data_4F7M
#
_entry.id   4F7M
#
_cell.length_a   74.272
_cell.length_b   67.092
_cell.length_c   87.668
_cell.angle_alpha   90.00
_cell.angle_beta   101.30
_cell.angle_gamma   90.00
#
_symmetry.space_group_name_H-M   'P 1 21 1'
#
loop_
_entity.id
_entity.type
_entity.pdbx_description
1 polymer 'HLA class I histocompatibility antigen, A-24 alpha chain'
2 polymer Beta-2-microglobulin
3 polymer 'PA polymerase subunit'
4 water water
#
loop_
_entity_poly.entity_id
_entity_poly.type
_entity_poly.pdbx_seq_one_letter_code
_entity_poly.pdbx_strand_id
1 'polypeptide(L)'
;MGSHSMRYFSTSVSRPGRGEPRFIAVGYVDDTQFVRFDSDAASQRMEPRAPWIEQEGPEYWDEETGKVKAHSQTDRENLR
IALRYYNQSEAGSHTLQMMFGCDVGSDGRFLRGYHQYAYDGKDYIALKEDLRSWTAADMAAQITKRKWEAAHVAEQQRAY
LEGTCVDGLRRYLENGKETLQRTDPPKTHMTHHPISDHEATLRCWALGFYPAEITLTWQRDGEDQTQDTELVETRPAGDG
TFQKWAAVVVPSGEEQRYTCHVQHEGLPKPLTLRW
;
A,D
2 'polypeptide(L)'
;MIQRTPKIQVYSRHPAENGKSNFLNCYVSGFHPSDIEVDLLKNGERIEKVEHSDLSFSKDWSFYLLYYTEFTPTEKDEYA
CRVNHVTLSQPKIVKWDRDM
;
B,E
3 'polypeptide(L)' LYASPQLEGF C,F
#
# COMPACT_ATOMS: atom_id res chain seq x y z
N GLY A 2 1.34 -0.46 18.42
CA GLY A 2 1.31 -1.47 17.37
C GLY A 2 2.05 -2.73 17.77
N SER A 3 2.47 -3.50 16.77
CA SER A 3 3.19 -4.74 17.01
C SER A 3 4.66 -4.48 17.30
N HIS A 4 5.23 -5.27 18.21
CA HIS A 4 6.61 -5.11 18.61
C HIS A 4 7.39 -6.42 18.44
N SER A 5 8.71 -6.34 18.62
CA SER A 5 9.56 -7.52 18.50
C SER A 5 10.75 -7.45 19.44
N MET A 6 11.23 -8.63 19.85
CA MET A 6 12.49 -8.73 20.58
C MET A 6 13.40 -9.70 19.84
N ARG A 7 14.60 -9.24 19.51
CA ARG A 7 15.54 -10.05 18.75
C ARG A 7 16.87 -10.17 19.47
N TYR A 8 17.51 -11.33 19.32
CA TYR A 8 18.88 -11.50 19.78
C TYR A 8 19.74 -11.98 18.63
N PHE A 9 20.82 -11.27 18.38
CA PHE A 9 21.74 -11.63 17.32
C PHE A 9 23.11 -11.96 17.91
N SER A 10 23.60 -13.15 17.60
CA SER A 10 24.93 -13.55 18.06
C SER A 10 25.81 -13.87 16.86
N THR A 11 27.08 -13.51 16.96
CA THR A 11 28.04 -13.74 15.89
C THR A 11 29.30 -14.36 16.46
N SER A 12 29.65 -15.54 15.98
CA SER A 12 30.89 -16.19 16.38
C SER A 12 31.84 -16.23 15.19
N VAL A 13 33.08 -15.82 15.42
CA VAL A 13 34.09 -15.80 14.38
C VAL A 13 35.35 -16.50 14.88
N SER A 14 35.68 -17.64 14.28
CA SER A 14 36.89 -18.34 14.65
C SER A 14 38.12 -17.58 14.15
N ARG A 15 39.22 -17.71 14.88
CA ARG A 15 40.48 -17.08 14.52
C ARG A 15 41.62 -18.05 14.80
N PRO A 16 41.88 -18.96 13.85
CA PRO A 16 42.86 -20.04 13.97
C PRO A 16 44.27 -19.51 14.22
N GLY A 17 44.89 -19.93 15.31
CA GLY A 17 46.22 -19.49 15.67
C GLY A 17 46.21 -18.39 16.71
N ARG A 18 45.07 -17.74 16.88
CA ARG A 18 44.97 -16.63 17.83
C ARG A 18 43.94 -16.89 18.92
N GLY A 19 43.80 -18.14 19.32
CA GLY A 19 42.90 -18.48 20.41
C GLY A 19 41.47 -18.78 20.01
N GLU A 20 40.57 -18.66 20.98
CA GLU A 20 39.17 -19.01 20.80
C GLU A 20 38.42 -17.99 19.95
N PRO A 21 37.35 -18.43 19.27
CA PRO A 21 36.53 -17.56 18.43
C PRO A 21 35.91 -16.43 19.23
N ARG A 22 35.79 -15.26 18.64
CA ARG A 22 35.14 -14.13 19.30
C ARG A 22 33.63 -14.27 19.21
N PHE A 23 32.96 -14.08 20.34
CA PHE A 23 31.50 -14.17 20.39
C PHE A 23 30.92 -12.83 20.79
N ILE A 24 30.14 -12.23 19.89
CA ILE A 24 29.46 -10.97 20.19
C ILE A 24 27.95 -11.12 20.04
N ALA A 25 27.21 -10.74 21.08
CA ALA A 25 25.77 -10.84 21.05
C ALA A 25 25.12 -9.51 21.40
N VAL A 26 24.01 -9.19 20.74
CA VAL A 26 23.27 -7.97 21.01
C VAL A 26 21.78 -8.26 21.12
N GLY A 27 21.09 -7.45 21.93
CA GLY A 27 19.66 -7.58 22.09
C GLY A 27 18.90 -6.37 21.58
N TYR A 28 17.77 -6.61 20.94
CA TYR A 28 16.96 -5.54 20.37
C TYR A 28 15.48 -5.67 20.75
N VAL A 29 14.88 -4.54 21.11
CA VAL A 29 13.43 -4.42 21.13
C VAL A 29 13.06 -3.46 20.01
N ASP A 30 12.42 -3.99 18.98
CA ASP A 30 12.16 -3.23 17.76
C ASP A 30 13.55 -2.73 17.32
N ASP A 31 13.64 -1.46 16.98
CA ASP A 31 14.91 -0.88 16.54
C ASP A 31 15.79 -0.24 17.62
N THR A 32 15.56 -0.62 18.87
CA THR A 32 16.35 -0.13 19.98
C THR A 32 17.16 -1.26 20.62
N GLN A 33 18.49 -1.16 20.54
CA GLN A 33 19.37 -2.10 21.23
C GLN A 33 19.34 -1.81 22.73
N PHE A 34 19.39 -2.87 23.54
CA PHE A 34 19.32 -2.70 24.99
C PHE A 34 20.36 -3.50 25.79
N VAL A 35 21.00 -4.48 25.14
CA VAL A 35 22.06 -5.24 25.79
C VAL A 35 23.13 -5.71 24.80
N ARG A 36 24.31 -6.02 25.33
CA ARG A 36 25.38 -6.58 24.52
C ARG A 36 26.27 -7.51 25.34
N PHE A 37 26.86 -8.50 24.68
CA PHE A 37 27.88 -9.31 25.29
C PHE A 37 29.05 -9.51 24.33
N ASP A 38 30.25 -9.22 24.80
CA ASP A 38 31.46 -9.38 24.00
C ASP A 38 32.45 -10.26 24.73
N SER A 39 32.70 -11.44 24.18
CA SER A 39 33.55 -12.42 24.85
C SER A 39 34.97 -11.92 25.10
N ASP A 40 35.40 -10.93 24.32
CA ASP A 40 36.74 -10.37 24.44
C ASP A 40 36.83 -9.27 25.51
N ALA A 41 35.67 -8.78 25.93
CA ALA A 41 35.62 -7.68 26.89
C ALA A 41 36.12 -8.10 28.27
N ALA A 42 36.49 -7.11 29.08
CA ALA A 42 37.03 -7.37 30.41
C ALA A 42 35.91 -7.65 31.42
N SER A 43 34.75 -7.06 31.19
CA SER A 43 33.62 -7.22 32.10
C SER A 43 33.15 -8.67 32.23
N GLN A 44 33.10 -9.36 31.10
CA GLN A 44 32.58 -10.72 31.06
C GLN A 44 31.15 -10.78 31.58
N ARG A 45 30.41 -9.70 31.35
CA ARG A 45 29.04 -9.58 31.82
C ARG A 45 28.16 -9.08 30.69
N MET A 46 26.86 -9.37 30.76
CA MET A 46 25.91 -8.74 29.86
C MET A 46 25.82 -7.26 30.26
N GLU A 47 25.94 -6.37 29.29
CA GLU A 47 25.97 -4.95 29.57
C GLU A 47 24.74 -4.24 29.04
N PRO A 48 24.28 -3.20 29.75
CA PRO A 48 23.14 -2.39 29.30
C PRO A 48 23.54 -1.48 28.14
N ARG A 49 22.65 -1.31 27.17
CA ARG A 49 22.91 -0.43 26.04
C ARG A 49 21.72 0.47 25.76
N ALA A 50 20.78 0.47 26.72
CA ALA A 50 19.67 1.42 26.72
C ALA A 50 19.37 1.79 28.17
N PRO A 51 18.88 3.03 28.39
CA PRO A 51 18.63 3.51 29.76
C PRO A 51 17.56 2.70 30.50
N TRP A 52 16.51 2.30 29.79
CA TRP A 52 15.37 1.65 30.43
C TRP A 52 15.62 0.22 30.91
N ILE A 53 16.84 -0.26 30.73
CA ILE A 53 17.19 -1.61 31.15
C ILE A 53 18.06 -1.58 32.41
N GLU A 54 18.62 -0.41 32.70
CA GLU A 54 19.52 -0.26 33.84
C GLU A 54 18.81 -0.50 35.17
N GLN A 55 17.49 -0.38 35.17
CA GLN A 55 16.71 -0.55 36.39
C GLN A 55 16.61 -2.01 36.85
N GLU A 56 16.95 -2.95 35.98
CA GLU A 56 16.91 -4.36 36.33
C GLU A 56 17.88 -4.66 37.47
N GLY A 57 17.47 -5.55 38.37
CA GLY A 57 18.27 -5.88 39.54
C GLY A 57 19.37 -6.90 39.26
N PRO A 58 20.12 -7.25 40.30
CA PRO A 58 21.25 -8.19 40.22
C PRO A 58 20.86 -9.54 39.60
N GLU A 59 19.72 -10.09 40.01
CA GLU A 59 19.29 -11.38 39.51
C GLU A 59 19.28 -11.41 37.98
N TYR A 60 18.67 -10.39 37.38
CA TYR A 60 18.57 -10.29 35.93
C TYR A 60 19.96 -10.31 35.28
N TRP A 61 20.87 -9.48 35.78
CA TRP A 61 22.19 -9.37 35.18
C TRP A 61 23.06 -10.61 35.40
N ASP A 62 22.75 -11.38 36.44
CA ASP A 62 23.47 -12.63 36.69
C ASP A 62 22.95 -13.72 35.76
N GLU A 63 21.64 -13.79 35.61
CA GLU A 63 21.00 -14.82 34.79
C GLU A 63 21.27 -14.61 33.30
N GLU A 64 21.12 -13.38 32.83
CA GLU A 64 21.39 -13.05 31.44
C GLU A 64 22.84 -13.36 31.09
N THR A 65 23.76 -12.91 31.94
CA THR A 65 25.18 -13.18 31.75
C THR A 65 25.42 -14.68 31.61
N GLY A 66 24.88 -15.45 32.55
CA GLY A 66 25.03 -16.88 32.54
C GLY A 66 24.52 -17.53 31.26
N LYS A 67 23.36 -17.06 30.80
CA LYS A 67 22.72 -17.64 29.63
C LYS A 67 23.48 -17.32 28.34
N VAL A 68 23.96 -16.10 28.22
CA VAL A 68 24.69 -15.70 27.02
C VAL A 68 26.09 -16.29 26.98
N LYS A 69 26.72 -16.45 28.15
CA LYS A 69 28.04 -17.08 28.21
C LYS A 69 27.95 -18.56 27.85
N ALA A 70 26.82 -19.17 28.16
CA ALA A 70 26.59 -20.57 27.83
C ALA A 70 26.33 -20.73 26.34
N HIS A 71 25.74 -19.70 25.74
CA HIS A 71 25.51 -19.66 24.31
C HIS A 71 26.84 -19.45 23.61
N SER A 72 27.74 -18.74 24.28
CA SER A 72 29.09 -18.50 23.78
C SER A 72 29.82 -19.82 23.56
N GLN A 73 29.79 -20.68 24.58
CA GLN A 73 30.49 -21.96 24.52
C GLN A 73 29.81 -22.91 23.54
N THR A 74 28.49 -22.86 23.48
CA THR A 74 27.73 -23.70 22.57
C THR A 74 28.12 -23.45 21.12
N ASP A 75 28.09 -22.19 20.70
CA ASP A 75 28.50 -21.84 19.35
C ASP A 75 29.96 -22.22 19.11
N ARG A 76 30.76 -22.12 20.18
CA ARG A 76 32.17 -22.45 20.09
C ARG A 76 32.35 -23.90 19.66
N GLU A 77 31.59 -24.79 20.26
CA GLU A 77 31.62 -26.21 19.91
C GLU A 77 30.93 -26.43 18.57
N ASN A 78 29.94 -25.62 18.27
CA ASN A 78 29.20 -25.76 17.02
C ASN A 78 30.05 -25.43 15.80
N LEU A 79 31.02 -24.53 15.97
CA LEU A 79 31.94 -24.21 14.88
C LEU A 79 32.86 -25.38 14.61
N ARG A 80 33.26 -26.09 15.66
CA ARG A 80 34.15 -27.25 15.50
C ARG A 80 33.40 -28.39 14.83
N ILE A 81 32.13 -28.54 15.19
CA ILE A 81 31.28 -29.55 14.59
C ILE A 81 31.08 -29.26 13.11
N ALA A 82 30.73 -28.03 12.78
CA ALA A 82 30.59 -27.63 11.38
C ALA A 82 31.85 -28.00 10.61
N LEU A 83 33.00 -27.64 11.16
CA LEU A 83 34.28 -27.99 10.54
C LEU A 83 34.35 -29.46 10.19
N ARG A 84 33.99 -30.31 11.15
CA ARG A 84 34.03 -31.76 10.97
C ARG A 84 33.05 -32.20 9.88
N TYR A 85 31.80 -31.77 9.99
CA TYR A 85 30.77 -32.13 9.01
C TYR A 85 31.25 -31.89 7.58
N TYR A 86 31.65 -30.65 7.31
CA TYR A 86 32.10 -30.27 5.97
C TYR A 86 33.54 -30.69 5.70
N ASN A 87 34.22 -31.16 6.73
CA ASN A 87 35.65 -31.50 6.64
C ASN A 87 36.47 -30.35 6.07
N GLN A 88 36.39 -29.20 6.72
CA GLN A 88 37.11 -28.01 6.29
C GLN A 88 38.42 -27.83 7.04
N SER A 89 39.35 -27.10 6.42
CA SER A 89 40.65 -26.85 7.03
C SER A 89 40.56 -26.00 8.29
N GLU A 90 41.40 -26.33 9.26
CA GLU A 90 41.45 -25.59 10.51
C GLU A 90 42.28 -24.30 10.37
N ALA A 91 42.70 -24.02 9.14
CA ALA A 91 43.43 -22.79 8.87
C ALA A 91 42.48 -21.68 8.44
N GLY A 92 41.28 -22.07 8.04
CA GLY A 92 40.30 -21.11 7.55
C GLY A 92 39.43 -20.57 8.66
N SER A 93 39.16 -19.27 8.62
CA SER A 93 38.25 -18.66 9.57
C SER A 93 36.81 -18.88 9.11
N HIS A 94 35.91 -19.10 10.06
CA HIS A 94 34.52 -19.37 9.74
C HIS A 94 33.57 -18.62 10.69
N THR A 95 32.34 -18.41 10.23
CA THR A 95 31.38 -17.62 10.98
C THR A 95 30.14 -18.44 11.32
N LEU A 96 29.52 -18.14 12.45
CA LEU A 96 28.29 -18.79 12.85
C LEU A 96 27.40 -17.75 13.50
N GLN A 97 26.23 -17.53 12.90
CA GLN A 97 25.31 -16.52 13.39
C GLN A 97 24.03 -17.15 13.89
N MET A 98 23.47 -16.59 14.95
CA MET A 98 22.19 -17.05 15.46
C MET A 98 21.25 -15.88 15.69
N MET A 99 19.99 -16.08 15.34
CA MET A 99 18.95 -15.10 15.64
C MET A 99 17.79 -15.81 16.31
N PHE A 100 17.23 -15.18 17.34
CA PHE A 100 16.03 -15.70 17.98
C PHE A 100 15.23 -14.57 18.63
N GLY A 101 13.94 -14.82 18.84
CA GLY A 101 13.06 -13.81 19.40
C GLY A 101 11.61 -14.05 19.01
N CYS A 102 10.76 -13.08 19.33
CA CYS A 102 9.33 -13.23 19.10
C CYS A 102 8.66 -11.92 18.72
N ASP A 103 7.48 -12.04 18.10
CA ASP A 103 6.67 -10.88 17.74
C ASP A 103 5.37 -10.92 18.51
N VAL A 104 4.94 -9.77 19.03
CA VAL A 104 3.65 -9.66 19.69
C VAL A 104 2.78 -8.61 19.00
N GLY A 105 1.51 -8.56 19.38
CA GLY A 105 0.59 -7.59 18.82
C GLY A 105 0.38 -6.41 19.73
N SER A 106 -0.64 -5.60 19.42
CA SER A 106 -0.94 -4.41 20.22
C SER A 106 -1.41 -4.77 21.62
N ASP A 107 -1.91 -6.00 21.77
CA ASP A 107 -2.34 -6.51 23.07
C ASP A 107 -1.22 -7.28 23.76
N GLY A 108 -0.08 -7.37 23.10
CA GLY A 108 1.10 -7.98 23.68
C GLY A 108 1.07 -9.50 23.73
N ARG A 109 0.27 -10.12 22.87
CA ARG A 109 0.22 -11.57 22.82
C ARG A 109 0.99 -12.12 21.63
N PHE A 110 1.52 -13.33 21.79
CA PHE A 110 2.37 -13.97 20.79
C PHE A 110 1.81 -13.83 19.38
N LEU A 111 2.70 -13.74 18.41
CA LEU A 111 2.32 -13.55 17.02
C LEU A 111 3.25 -14.34 16.09
N ARG A 112 4.51 -14.47 16.49
CA ARG A 112 5.52 -15.16 15.69
C ARG A 112 6.79 -15.42 16.51
N GLY A 113 7.52 -16.48 16.16
CA GLY A 113 8.74 -16.83 16.86
C GLY A 113 9.87 -17.25 15.93
N TYR A 114 11.11 -17.04 16.37
CA TYR A 114 12.27 -17.34 15.53
C TYR A 114 13.38 -18.04 16.30
N HIS A 115 14.15 -18.86 15.58
CA HIS A 115 15.25 -19.61 16.16
C HIS A 115 16.02 -20.24 15.00
N GLN A 116 17.04 -19.54 14.51
CA GLN A 116 17.71 -19.94 13.28
C GLN A 116 19.21 -19.64 13.28
N TYR A 117 19.96 -20.45 12.54
CA TYR A 117 21.41 -20.32 12.46
C TYR A 117 21.88 -20.03 11.03
N ALA A 118 23.07 -19.45 10.93
CA ALA A 118 23.72 -19.28 9.64
C ALA A 118 25.20 -19.59 9.75
N TYR A 119 25.71 -20.36 8.80
CA TYR A 119 27.12 -20.70 8.76
C TYR A 119 27.79 -20.05 7.56
N ASP A 120 28.81 -19.24 7.82
CA ASP A 120 29.52 -18.53 6.76
C ASP A 120 28.59 -17.70 5.88
N GLY A 121 27.56 -17.11 6.49
CA GLY A 121 26.66 -16.22 5.79
C GLY A 121 25.43 -16.89 5.20
N LYS A 122 25.44 -18.22 5.15
CA LYS A 122 24.34 -18.98 4.55
C LYS A 122 23.50 -19.72 5.58
N ASP A 123 22.20 -19.81 5.33
CA ASP A 123 21.29 -20.53 6.20
C ASP A 123 21.82 -21.92 6.53
N TYR A 124 21.65 -22.33 7.78
CA TYR A 124 22.08 -23.66 8.20
C TYR A 124 20.90 -24.47 8.72
N ILE A 125 20.23 -23.94 9.72
CA ILE A 125 19.03 -24.58 10.25
C ILE A 125 18.12 -23.53 10.89
N ALA A 126 16.84 -23.59 10.56
CA ALA A 126 15.88 -22.61 11.04
C ALA A 126 14.61 -23.27 11.53
N LEU A 127 14.14 -22.86 12.71
CA LEU A 127 12.87 -23.35 13.23
C LEU A 127 11.72 -22.79 12.40
N LYS A 128 10.84 -23.68 11.94
CA LYS A 128 9.71 -23.27 11.09
C LYS A 128 8.64 -22.52 11.87
N GLU A 129 7.77 -21.84 11.13
CA GLU A 129 6.73 -21.01 11.75
C GLU A 129 5.94 -21.74 12.86
N ASP A 130 5.57 -22.99 12.61
CA ASP A 130 4.75 -23.74 13.58
C ASP A 130 5.53 -24.15 14.82
N LEU A 131 6.82 -23.84 14.84
CA LEU A 131 7.66 -24.06 16.02
C LEU A 131 7.72 -25.54 16.41
N ARG A 132 7.55 -26.41 15.42
CA ARG A 132 7.59 -27.85 15.67
C ARG A 132 8.56 -28.57 14.73
N SER A 133 8.80 -27.98 13.57
CA SER A 133 9.71 -28.57 12.59
C SER A 133 10.89 -27.65 12.24
N TRP A 134 11.93 -28.24 11.67
CA TRP A 134 13.11 -27.50 11.26
C TRP A 134 13.27 -27.57 9.75
N THR A 135 13.96 -26.58 9.19
CA THR A 135 14.36 -26.63 7.80
C THR A 135 15.89 -26.65 7.71
N ALA A 136 16.43 -27.80 7.34
CA ALA A 136 17.87 -27.98 7.25
C ALA A 136 18.35 -27.67 5.84
N ALA A 137 19.24 -26.69 5.72
CA ALA A 137 19.66 -26.18 4.42
C ALA A 137 20.36 -27.23 3.56
N ASP A 138 21.31 -27.95 4.15
CA ASP A 138 22.02 -28.99 3.42
C ASP A 138 22.13 -30.27 4.25
N MET A 139 22.94 -31.20 3.76
CA MET A 139 23.04 -32.53 4.37
C MET A 139 23.78 -32.49 5.70
N ALA A 140 24.56 -31.44 5.92
CA ALA A 140 25.23 -31.26 7.20
C ALA A 140 24.21 -30.81 8.25
N ALA A 141 23.27 -29.97 7.82
CA ALA A 141 22.24 -29.47 8.72
C ALA A 141 21.23 -30.56 9.02
N GLN A 142 21.01 -31.43 8.04
CA GLN A 142 20.07 -32.54 8.19
C GLN A 142 20.51 -33.48 9.30
N ILE A 143 21.81 -33.53 9.56
CA ILE A 143 22.34 -34.33 10.66
C ILE A 143 22.02 -33.67 12.00
N THR A 144 22.03 -32.34 12.03
CA THR A 144 21.66 -31.59 13.23
C THR A 144 20.15 -31.67 13.44
N LYS A 145 19.39 -31.58 12.35
CA LYS A 145 17.95 -31.67 12.40
C LYS A 145 17.46 -32.98 13.01
N ARG A 146 18.06 -34.09 12.60
CA ARG A 146 17.71 -35.40 13.15
C ARG A 146 17.95 -35.41 14.65
N LYS A 147 19.12 -34.94 15.06
CA LYS A 147 19.49 -34.93 16.46
C LYS A 147 18.56 -34.05 17.29
N TRP A 148 18.18 -32.90 16.74
CA TRP A 148 17.32 -31.98 17.47
C TRP A 148 15.88 -32.49 17.57
N GLU A 149 15.46 -33.26 16.58
CA GLU A 149 14.13 -33.87 16.61
C GLU A 149 14.08 -34.92 17.70
N ALA A 150 15.17 -35.65 17.85
CA ALA A 150 15.27 -36.69 18.86
C ALA A 150 15.38 -36.11 20.27
N ALA A 151 15.97 -34.92 20.37
CA ALA A 151 16.19 -34.29 21.67
C ALA A 151 15.08 -33.31 22.05
N HIS A 152 14.01 -33.29 21.26
CA HIS A 152 12.86 -32.44 21.55
C HIS A 152 13.26 -30.97 21.69
N VAL A 153 14.22 -30.54 20.88
CA VAL A 153 14.71 -29.17 20.94
C VAL A 153 13.62 -28.17 20.54
N ALA A 154 12.85 -28.51 19.53
CA ALA A 154 11.76 -27.65 19.07
C ALA A 154 10.75 -27.37 20.17
N GLU A 155 10.55 -28.32 21.06
CA GLU A 155 9.62 -28.16 22.17
C GLU A 155 10.15 -27.16 23.21
N GLN A 156 11.46 -27.20 23.43
CA GLN A 156 12.09 -26.30 24.41
C GLN A 156 12.03 -24.85 23.96
N GLN A 157 12.28 -24.62 22.67
CA GLN A 157 12.33 -23.26 22.14
C GLN A 157 10.93 -22.72 21.95
N ARG A 158 10.03 -23.60 21.52
CA ARG A 158 8.62 -23.26 21.44
C ARG A 158 8.15 -22.62 22.74
N ALA A 159 8.43 -23.29 23.85
CA ALA A 159 8.01 -22.81 25.17
C ALA A 159 8.64 -21.47 25.53
N TYR A 160 9.90 -21.27 25.16
CA TYR A 160 10.57 -20.00 25.42
C TYR A 160 9.97 -18.86 24.59
N LEU A 161 9.68 -19.15 23.33
CA LEU A 161 9.19 -18.15 22.40
C LEU A 161 7.75 -17.74 22.67
N GLU A 162 7.00 -18.61 23.34
CA GLU A 162 5.60 -18.36 23.64
C GLU A 162 5.43 -17.93 25.09
N GLY A 163 6.45 -18.18 25.89
CA GLY A 163 6.41 -17.85 27.30
C GLY A 163 7.37 -16.73 27.66
N THR A 164 8.60 -17.10 27.99
CA THR A 164 9.62 -16.15 28.43
C THR A 164 9.83 -14.97 27.49
N CYS A 165 9.99 -15.25 26.20
CA CYS A 165 10.24 -14.20 25.21
C CYS A 165 9.14 -13.15 25.21
N VAL A 166 7.90 -13.59 25.18
CA VAL A 166 6.76 -12.69 25.18
C VAL A 166 6.72 -11.88 26.48
N ASP A 167 6.98 -12.55 27.60
CA ASP A 167 6.92 -11.91 28.91
C ASP A 167 8.02 -10.86 29.07
N GLY A 168 9.25 -11.21 28.72
CA GLY A 168 10.34 -10.28 28.78
C GLY A 168 10.08 -9.06 27.92
N LEU A 169 9.53 -9.30 26.73
CA LEU A 169 9.17 -8.22 25.82
C LEU A 169 8.11 -7.32 26.42
N ARG A 170 7.11 -7.92 27.05
CA ARG A 170 6.04 -7.15 27.69
C ARG A 170 6.62 -6.31 28.81
N ARG A 171 7.52 -6.93 29.58
CA ARG A 171 8.18 -6.24 30.68
C ARG A 171 9.00 -5.05 30.21
N TYR A 172 9.67 -5.20 29.07
CA TYR A 172 10.50 -4.12 28.51
C TYR A 172 9.64 -2.98 27.98
N LEU A 173 8.58 -3.31 27.26
CA LEU A 173 7.70 -2.29 26.67
C LEU A 173 7.07 -1.39 27.72
N GLU A 174 6.98 -1.89 28.96
CA GLU A 174 6.46 -1.09 30.05
C GLU A 174 7.56 -0.23 30.66
N ASN A 175 8.64 -0.87 31.09
CA ASN A 175 9.78 -0.16 31.67
C ASN A 175 10.33 0.93 30.73
N GLY A 176 10.28 0.67 29.43
CA GLY A 176 10.72 1.63 28.44
C GLY A 176 9.58 2.34 27.75
N LYS A 177 8.41 2.34 28.39
CA LYS A 177 7.21 2.99 27.86
C LYS A 177 7.54 4.26 27.06
N GLU A 178 8.23 5.19 27.70
CA GLU A 178 8.50 6.50 27.10
C GLU A 178 9.33 6.42 25.82
N THR A 179 10.24 5.45 25.78
CA THR A 179 11.15 5.31 24.66
C THR A 179 10.60 4.41 23.54
N LEU A 180 10.27 3.17 23.89
CA LEU A 180 9.94 2.14 22.91
C LEU A 180 8.53 2.26 22.35
N GLN A 181 7.63 2.90 23.09
CA GLN A 181 6.23 2.95 22.68
C GLN A 181 5.90 4.22 21.92
N ARG A 182 6.93 4.94 21.49
CA ARG A 182 6.73 6.20 20.78
C ARG A 182 7.00 6.05 19.30
N THR A 183 6.42 6.96 18.50
CA THR A 183 6.72 7.03 17.08
C THR A 183 7.15 8.44 16.74
N ASP A 184 8.30 8.58 16.11
CA ASP A 184 8.74 9.88 15.62
C ASP A 184 8.42 9.97 14.14
N PRO A 185 7.46 10.85 13.78
CA PRO A 185 7.12 11.03 12.37
C PRO A 185 8.32 11.62 11.63
N PRO A 186 8.53 11.20 10.37
CA PRO A 186 9.70 11.69 9.64
C PRO A 186 9.55 13.17 9.28
N LYS A 187 10.64 13.92 9.41
CA LYS A 187 10.68 15.26 8.86
C LYS A 187 11.01 15.13 7.38
N THR A 188 10.14 15.65 6.54
CA THR A 188 10.30 15.46 5.11
C THR A 188 10.56 16.77 4.39
N HIS A 189 11.49 16.73 3.45
CA HIS A 189 11.70 17.85 2.53
C HIS A 189 12.35 17.35 1.27
N MET A 190 12.59 18.26 0.32
CA MET A 190 13.01 17.88 -1.01
C MET A 190 14.14 18.77 -1.51
N THR A 191 15.17 18.17 -2.12
CA THR A 191 16.28 18.94 -2.66
C THR A 191 16.44 18.77 -4.17
N HIS A 192 16.96 19.81 -4.83
CA HIS A 192 17.11 19.83 -6.28
C HIS A 192 18.59 19.94 -6.66
N HIS A 193 19.04 19.10 -7.59
CA HIS A 193 20.45 19.08 -7.99
C HIS A 193 20.65 18.92 -9.49
N PRO A 194 21.09 19.98 -10.17
CA PRO A 194 21.35 20.00 -11.61
C PRO A 194 22.62 19.27 -12.02
N ILE A 195 22.48 18.26 -12.88
CA ILE A 195 23.62 17.55 -13.46
C ILE A 195 24.12 18.35 -14.67
N SER A 196 23.26 18.50 -15.66
CA SER A 196 23.59 19.24 -16.87
C SER A 196 22.49 20.24 -17.22
N ASP A 197 22.52 20.72 -18.46
CA ASP A 197 21.54 21.71 -18.91
C ASP A 197 20.17 21.09 -19.16
N HIS A 198 20.14 19.79 -19.38
CA HIS A 198 18.91 19.12 -19.84
C HIS A 198 18.22 18.29 -18.76
N GLU A 199 18.95 17.95 -17.71
CA GLU A 199 18.38 17.13 -16.64
C GLU A 199 18.59 17.74 -15.26
N ALA A 200 18.01 17.10 -14.25
CA ALA A 200 18.08 17.58 -12.87
C ALA A 200 17.60 16.52 -11.88
N THR A 201 18.29 16.38 -10.77
CA THR A 201 17.95 15.39 -9.75
C THR A 201 17.06 15.96 -8.64
N LEU A 202 15.87 15.38 -8.48
CA LEU A 202 15.03 15.70 -7.34
C LEU A 202 15.24 14.64 -6.26
N ARG A 203 15.59 15.08 -5.07
CA ARG A 203 15.82 14.18 -3.95
C ARG A 203 14.81 14.38 -2.82
N CYS A 204 14.22 13.28 -2.37
CA CYS A 204 13.21 13.34 -1.31
C CYS A 204 13.74 12.77 0.00
N TRP A 205 13.74 13.61 1.04
CA TRP A 205 14.36 13.25 2.31
C TRP A 205 13.36 12.83 3.38
N ALA A 206 13.77 11.88 4.21
CA ALA A 206 13.02 11.52 5.42
C ALA A 206 13.98 11.50 6.59
N LEU A 207 13.74 12.38 7.55
CA LEU A 207 14.67 12.57 8.67
C LEU A 207 14.03 12.37 10.04
N GLY A 208 14.86 11.92 10.99
CA GLY A 208 14.47 11.80 12.38
C GLY A 208 13.22 11.00 12.67
N PHE A 209 13.08 9.85 12.01
CA PHE A 209 11.91 9.01 12.23
C PHE A 209 12.22 7.75 13.03
N TYR A 210 11.18 7.17 13.62
CA TYR A 210 11.29 5.92 14.37
C TYR A 210 9.90 5.33 14.51
N PRO A 211 9.77 4.00 14.34
CA PRO A 211 10.85 3.05 14.05
C PRO A 211 11.43 3.23 12.65
N ALA A 212 12.37 2.38 12.28
CA ALA A 212 13.13 2.52 11.05
C ALA A 212 12.32 2.17 9.80
N GLU A 213 11.29 1.34 9.96
CA GLU A 213 10.44 0.97 8.82
C GLU A 213 9.80 2.19 8.19
N ILE A 214 10.02 2.37 6.90
CA ILE A 214 9.45 3.47 6.14
C ILE A 214 9.38 3.07 4.67
N THR A 215 8.66 3.85 3.87
CA THR A 215 8.57 3.61 2.45
C THR A 215 8.53 4.92 1.66
N LEU A 216 9.55 5.13 0.83
CA LEU A 216 9.63 6.31 0.00
C LEU A 216 9.40 5.95 -1.47
N THR A 217 8.42 6.58 -2.09
CA THR A 217 8.08 6.28 -3.49
C THR A 217 8.02 7.56 -4.33
N TRP A 218 8.26 7.41 -5.62
CA TRP A 218 8.14 8.53 -6.56
C TRP A 218 7.01 8.30 -7.54
N GLN A 219 6.37 9.38 -7.96
CA GLN A 219 5.32 9.28 -8.96
C GLN A 219 5.40 10.43 -9.96
N ARG A 220 5.09 10.16 -11.19
CA ARG A 220 5.06 11.20 -12.19
C ARG A 220 3.68 11.18 -12.81
N ASP A 221 3.01 12.30 -12.79
CA ASP A 221 1.65 12.44 -13.31
C ASP A 221 0.68 11.52 -12.57
N GLY A 222 1.23 10.68 -11.70
CA GLY A 222 0.44 9.73 -10.93
C GLY A 222 0.94 8.31 -11.07
N GLU A 223 1.78 8.07 -12.06
CA GLU A 223 2.34 6.73 -12.30
C GLU A 223 3.52 6.48 -11.37
N ASP A 224 3.91 5.21 -11.25
CA ASP A 224 4.96 4.83 -10.32
C ASP A 224 6.31 4.71 -11.03
N GLN A 225 7.29 5.47 -10.53
CA GLN A 225 8.62 5.50 -11.12
C GLN A 225 9.57 4.52 -10.42
N THR A 226 9.29 3.23 -10.53
CA THR A 226 10.09 2.21 -9.85
C THR A 226 11.52 2.04 -10.39
N GLN A 227 11.64 1.55 -11.62
CA GLN A 227 12.94 1.19 -12.22
C GLN A 227 13.77 2.39 -12.65
N ASP A 228 13.56 3.52 -11.98
CA ASP A 228 14.30 4.74 -12.29
C ASP A 228 14.59 5.52 -11.02
N THR A 229 14.02 5.05 -9.92
CA THR A 229 14.22 5.68 -8.62
C THR A 229 15.43 5.09 -7.92
N GLU A 230 16.33 5.95 -7.46
CA GLU A 230 17.45 5.51 -6.65
C GLU A 230 17.05 5.54 -5.19
N LEU A 231 17.35 4.44 -4.48
CA LEU A 231 17.01 4.32 -3.07
C LEU A 231 18.26 3.95 -2.28
N VAL A 232 18.42 4.57 -1.11
CA VAL A 232 19.49 4.18 -0.21
C VAL A 232 18.93 3.34 0.94
N GLU A 233 19.81 2.65 1.65
CA GLU A 233 19.40 1.90 2.82
C GLU A 233 18.99 2.90 3.89
N THR A 234 17.89 2.61 4.58
CA THR A 234 17.54 3.38 5.76
C THR A 234 18.73 3.32 6.72
N ARG A 235 19.06 4.44 7.32
CA ARG A 235 20.29 4.54 8.11
C ARG A 235 20.03 5.23 9.46
N PRO A 236 20.75 4.79 10.50
CA PRO A 236 20.65 5.40 11.84
C PRO A 236 21.33 6.76 11.90
N ALA A 237 20.75 7.69 12.66
CA ALA A 237 21.33 9.03 12.79
C ALA A 237 22.28 9.07 13.96
N GLY A 238 22.14 8.09 14.85
CA GLY A 238 22.99 7.99 16.03
C GLY A 238 22.25 8.35 17.30
N ASP A 239 21.23 9.19 17.16
CA ASP A 239 20.47 9.66 18.31
C ASP A 239 19.28 8.76 18.65
N GLY A 240 19.10 7.70 17.87
CA GLY A 240 17.99 6.80 18.09
C GLY A 240 16.93 6.89 17.00
N THR A 241 17.12 7.83 16.08
CA THR A 241 16.23 7.99 14.94
C THR A 241 16.93 7.56 13.66
N PHE A 242 16.18 7.47 12.58
CA PHE A 242 16.73 7.00 11.31
C PHE A 242 16.55 7.99 10.17
N GLN A 243 17.20 7.69 9.05
CA GLN A 243 17.17 8.57 7.89
C GLN A 243 17.08 7.72 6.61
N LYS A 244 16.70 8.35 5.51
CA LYS A 244 16.57 7.68 4.23
C LYS A 244 16.22 8.71 3.18
N TRP A 245 16.64 8.48 1.95
CA TRP A 245 16.21 9.33 0.84
C TRP A 245 15.96 8.53 -0.45
N ALA A 246 15.16 9.12 -1.33
CA ALA A 246 14.90 8.54 -2.65
C ALA A 246 15.07 9.64 -3.68
N ALA A 247 15.68 9.30 -4.81
CA ALA A 247 15.98 10.30 -5.83
C ALA A 247 15.59 9.84 -7.23
N VAL A 248 15.13 10.78 -8.04
CA VAL A 248 14.82 10.51 -9.44
C VAL A 248 15.46 11.56 -10.32
N VAL A 249 15.86 11.16 -11.53
CA VAL A 249 16.44 12.07 -12.50
C VAL A 249 15.36 12.62 -13.42
N VAL A 250 15.02 13.90 -13.25
CA VAL A 250 13.92 14.50 -14.02
C VAL A 250 14.41 15.37 -15.16
N PRO A 251 13.71 15.31 -16.30
CA PRO A 251 13.95 16.23 -17.40
C PRO A 251 13.74 17.66 -16.93
N SER A 252 14.68 18.56 -17.24
CA SER A 252 14.56 19.95 -16.82
C SER A 252 13.24 20.54 -17.29
N GLY A 253 12.54 21.21 -16.38
CA GLY A 253 11.27 21.83 -16.70
C GLY A 253 10.09 20.92 -16.43
N GLU A 254 10.35 19.71 -15.95
CA GLU A 254 9.30 18.74 -15.67
C GLU A 254 9.28 18.33 -14.21
N GLU A 255 9.89 19.14 -13.35
CA GLU A 255 10.00 18.80 -11.93
C GLU A 255 8.63 18.75 -11.26
N GLN A 256 7.68 19.48 -11.82
CA GLN A 256 6.34 19.60 -11.22
C GLN A 256 5.43 18.44 -11.59
N ARG A 257 5.94 17.49 -12.38
CA ARG A 257 5.20 16.28 -12.71
C ARG A 257 5.35 15.25 -11.59
N TYR A 258 6.38 15.43 -10.77
CA TYR A 258 6.75 14.43 -9.77
C TYR A 258 6.24 14.75 -8.36
N THR A 259 5.74 13.73 -7.68
CA THR A 259 5.40 13.86 -6.27
C THR A 259 6.14 12.80 -5.48
N CYS A 260 6.43 13.11 -4.22
CA CYS A 260 7.12 12.16 -3.35
C CYS A 260 6.13 11.62 -2.31
N HIS A 261 6.13 10.30 -2.13
CA HIS A 261 5.19 9.68 -1.21
C HIS A 261 5.88 9.00 -0.05
N VAL A 262 5.41 9.31 1.16
CA VAL A 262 6.06 8.82 2.37
C VAL A 262 5.09 8.05 3.25
N GLN A 263 5.42 6.78 3.52
CA GLN A 263 4.61 5.96 4.41
C GLN A 263 5.40 5.62 5.68
N HIS A 264 4.89 6.05 6.82
CA HIS A 264 5.47 5.73 8.12
C HIS A 264 4.35 5.58 9.12
N GLU A 265 4.50 4.66 10.07
CA GLU A 265 3.44 4.42 11.05
C GLU A 265 3.34 5.60 12.02
N GLY A 266 4.24 6.56 11.88
CA GLY A 266 4.16 7.78 12.65
C GLY A 266 3.28 8.79 11.93
N LEU A 267 2.89 8.43 10.71
CA LEU A 267 2.02 9.27 9.90
C LEU A 267 0.63 8.65 9.79
N PRO A 268 -0.38 9.31 10.36
CA PRO A 268 -1.76 8.81 10.31
C PRO A 268 -2.09 8.38 8.88
N LYS A 269 -1.77 9.24 7.92
CA LYS A 269 -1.96 8.94 6.51
C LYS A 269 -0.66 9.23 5.74
N PRO A 270 -0.46 8.55 4.62
CA PRO A 270 0.73 8.80 3.78
C PRO A 270 0.82 10.27 3.38
N LEU A 271 2.04 10.78 3.20
CA LEU A 271 2.24 12.16 2.79
C LEU A 271 2.51 12.28 1.29
N THR A 272 2.28 13.46 0.74
CA THR A 272 2.55 13.74 -0.66
C THR A 272 3.30 15.05 -0.82
N LEU A 273 4.58 14.97 -1.16
CA LEU A 273 5.39 16.17 -1.35
C LEU A 273 5.53 16.52 -2.82
N ARG A 274 5.29 17.78 -3.16
CA ARG A 274 5.52 18.28 -4.50
C ARG A 274 6.55 19.40 -4.49
N TRP A 275 7.42 19.42 -5.50
CA TRP A 275 8.46 20.43 -5.60
C TRP A 275 7.86 21.81 -5.85
N ILE B 2 29.78 -17.32 1.90
CA ILE B 2 29.34 -16.12 1.18
C ILE B 2 30.35 -14.99 1.30
N GLN B 3 30.41 -14.15 0.27
CA GLN B 3 31.15 -12.91 0.34
C GLN B 3 30.27 -11.78 -0.16
N ARG B 4 30.11 -10.73 0.64
CA ARG B 4 29.28 -9.60 0.25
C ARG B 4 29.96 -8.25 0.46
N THR B 5 30.02 -7.47 -0.61
CA THR B 5 30.60 -6.15 -0.60
C THR B 5 29.84 -5.23 0.37
N PRO B 6 30.57 -4.42 1.13
CA PRO B 6 29.92 -3.45 2.03
C PRO B 6 29.24 -2.31 1.27
N LYS B 7 28.15 -1.80 1.83
CA LYS B 7 27.53 -0.58 1.33
C LYS B 7 27.97 0.56 2.25
N ILE B 8 28.25 1.72 1.67
CA ILE B 8 28.83 2.81 2.43
C ILE B 8 28.07 4.12 2.32
N GLN B 9 27.76 4.72 3.47
CA GLN B 9 27.07 6.00 3.53
C GLN B 9 27.75 6.92 4.54
N VAL B 10 28.11 8.11 4.09
CA VAL B 10 28.75 9.11 4.95
C VAL B 10 27.82 10.32 5.06
N TYR B 11 27.57 10.77 6.29
CA TYR B 11 26.56 11.79 6.53
C TYR B 11 26.63 12.28 7.97
N SER B 12 26.07 13.45 8.22
CA SER B 12 26.01 14.00 9.57
C SER B 12 24.70 13.64 10.26
N ARG B 13 24.71 13.63 11.58
CA ARG B 13 23.53 13.30 12.35
C ARG B 13 22.43 14.35 12.16
N HIS B 14 22.85 15.61 12.14
CA HIS B 14 21.92 16.71 11.96
C HIS B 14 22.30 17.54 10.73
N PRO B 15 21.35 18.31 10.18
CA PRO B 15 21.65 19.20 9.06
C PRO B 15 22.91 20.02 9.36
N ALA B 16 23.86 20.02 8.41
CA ALA B 16 25.16 20.65 8.62
C ALA B 16 25.07 22.15 8.89
N GLU B 17 25.73 22.59 9.96
CA GLU B 17 25.83 24.01 10.28
C GLU B 17 27.24 24.38 10.73
N ASN B 18 27.95 25.13 9.90
CA ASN B 18 29.30 25.57 10.22
C ASN B 18 29.38 26.24 11.59
N GLY B 19 30.31 25.77 12.42
CA GLY B 19 30.50 26.31 13.75
C GLY B 19 29.64 25.63 14.80
N LYS B 20 28.70 24.80 14.34
CA LYS B 20 27.78 24.09 15.22
C LYS B 20 28.20 22.63 15.39
N SER B 21 28.40 22.20 16.63
CA SER B 21 28.84 20.83 16.90
C SER B 21 27.84 19.80 16.40
N ASN B 22 28.33 18.79 15.71
CA ASN B 22 27.50 17.77 15.10
C ASN B 22 28.10 16.38 15.34
N PHE B 23 27.66 15.40 14.57
CA PHE B 23 28.23 14.06 14.64
C PHE B 23 28.46 13.53 13.23
N LEU B 24 29.69 13.09 12.97
CA LEU B 24 30.02 12.53 11.66
C LEU B 24 29.84 11.02 11.67
N ASN B 25 29.04 10.52 10.73
CA ASN B 25 28.69 9.12 10.69
C ASN B 25 29.19 8.42 9.43
N CYS B 26 29.60 7.17 9.59
CA CYS B 26 29.82 6.30 8.45
C CYS B 26 29.13 4.97 8.71
N TYR B 27 28.04 4.74 7.99
CA TYR B 27 27.26 3.52 8.13
C TYR B 27 27.68 2.53 7.05
N VAL B 28 28.18 1.37 7.46
CA VAL B 28 28.54 0.32 6.53
C VAL B 28 27.59 -0.86 6.71
N SER B 29 27.00 -1.31 5.61
CA SER B 29 25.98 -2.35 5.67
C SER B 29 26.09 -3.39 4.56
N GLY B 30 25.43 -4.53 4.77
CA GLY B 30 25.28 -5.54 3.74
C GLY B 30 26.54 -6.29 3.36
N PHE B 31 27.48 -6.43 4.31
CA PHE B 31 28.74 -7.08 4.01
C PHE B 31 28.95 -8.37 4.80
N HIS B 32 29.79 -9.24 4.25
CA HIS B 32 30.11 -10.52 4.86
C HIS B 32 31.40 -10.99 4.22
N PRO B 33 32.35 -11.49 5.04
CA PRO B 33 32.30 -11.68 6.49
C PRO B 33 32.29 -10.36 7.28
N SER B 34 32.33 -10.47 8.60
CA SER B 34 32.17 -9.30 9.49
C SER B 34 33.44 -8.48 9.67
N ASP B 35 34.60 -9.10 9.52
CA ASP B 35 35.86 -8.37 9.63
C ASP B 35 35.89 -7.18 8.67
N ILE B 36 36.09 -5.99 9.22
CA ILE B 36 36.10 -4.78 8.40
C ILE B 36 36.86 -3.64 9.09
N GLU B 37 37.47 -2.78 8.28
CA GLU B 37 38.17 -1.61 8.80
C GLU B 37 37.49 -0.34 8.29
N VAL B 38 37.21 0.58 9.21
CA VAL B 38 36.54 1.83 8.85
C VAL B 38 37.22 3.00 9.54
N ASP B 39 37.61 4.00 8.75
CA ASP B 39 38.24 5.20 9.27
C ASP B 39 37.53 6.47 8.76
N LEU B 40 37.51 7.50 9.58
CA LEU B 40 36.99 8.79 9.15
C LEU B 40 38.16 9.75 8.89
N LEU B 41 38.11 10.45 7.76
CA LEU B 41 39.21 11.32 7.35
C LEU B 41 38.85 12.79 7.44
N LYS B 42 39.72 13.55 8.12
CA LYS B 42 39.59 15.00 8.17
C LYS B 42 40.67 15.64 7.31
N ASN B 43 40.29 16.09 6.12
CA ASN B 43 41.24 16.66 5.18
C ASN B 43 42.31 15.65 4.76
N GLY B 44 41.93 14.38 4.75
CA GLY B 44 42.82 13.31 4.31
C GLY B 44 43.49 12.57 5.45
N GLU B 45 43.36 13.10 6.66
CA GLU B 45 44.02 12.51 7.83
C GLU B 45 43.05 11.79 8.75
N ARG B 46 43.42 10.58 9.14
CA ARG B 46 42.61 9.73 10.00
C ARG B 46 42.26 10.37 11.34
N ILE B 47 40.96 10.56 11.60
CA ILE B 47 40.50 11.05 12.89
C ILE B 47 40.66 9.95 13.94
N GLU B 48 41.11 10.32 15.13
CA GLU B 48 41.58 9.33 16.09
C GLU B 48 40.50 8.51 16.81
N LYS B 49 39.80 9.13 17.76
CA LYS B 49 38.91 8.38 18.66
C LYS B 49 37.50 8.17 18.12
N VAL B 50 37.40 7.42 17.02
CA VAL B 50 36.11 7.10 16.41
C VAL B 50 35.46 5.92 17.11
N GLU B 51 34.20 6.07 17.50
CA GLU B 51 33.45 4.99 18.14
C GLU B 51 32.59 4.26 17.10
N HIS B 52 32.16 3.06 17.44
CA HIS B 52 31.31 2.29 16.55
C HIS B 52 30.31 1.44 17.33
N SER B 53 29.14 1.21 16.73
CA SER B 53 28.10 0.43 17.37
C SER B 53 28.55 -1.02 17.57
N ASP B 54 27.79 -1.76 18.37
CA ASP B 54 28.06 -3.18 18.57
C ASP B 54 27.70 -3.97 17.32
N LEU B 55 28.57 -4.89 16.93
CA LEU B 55 28.36 -5.69 15.72
C LEU B 55 26.97 -6.30 15.69
N SER B 56 26.26 -6.09 14.58
CA SER B 56 24.95 -6.67 14.39
C SER B 56 24.76 -7.07 12.92
N PHE B 57 23.56 -7.54 12.59
CA PHE B 57 23.27 -7.98 11.23
C PHE B 57 21.77 -8.02 10.92
N SER B 58 21.44 -8.12 9.64
CA SER B 58 20.06 -8.01 9.19
C SER B 58 19.41 -9.37 8.95
N LYS B 59 18.22 -9.36 8.36
CA LYS B 59 17.50 -10.57 8.02
C LYS B 59 18.31 -11.49 7.12
N ASP B 60 18.95 -10.91 6.12
CA ASP B 60 19.72 -11.69 5.14
C ASP B 60 21.07 -12.18 5.69
N TRP B 61 21.33 -11.88 6.96
CA TRP B 61 22.55 -12.30 7.67
C TRP B 61 23.72 -11.35 7.46
N SER B 62 23.60 -10.43 6.51
CA SER B 62 24.66 -9.47 6.25
C SER B 62 24.80 -8.48 7.40
N PHE B 63 26.04 -8.08 7.67
CA PHE B 63 26.35 -7.25 8.82
C PHE B 63 26.17 -5.77 8.53
N TYR B 64 25.98 -4.99 9.60
CA TYR B 64 26.01 -3.54 9.49
C TYR B 64 26.66 -2.95 10.74
N LEU B 65 27.34 -1.83 10.56
CA LEU B 65 28.02 -1.14 11.65
C LEU B 65 27.97 0.36 11.44
N LEU B 66 27.79 1.09 12.53
CA LEU B 66 27.82 2.54 12.47
C LEU B 66 29.08 3.07 13.15
N TYR B 67 29.90 3.78 12.40
CA TYR B 67 31.08 4.44 12.96
C TYR B 67 30.78 5.93 13.08
N TYR B 68 31.08 6.50 14.24
CA TYR B 68 30.74 7.90 14.49
C TYR B 68 31.76 8.63 15.36
N THR B 69 31.94 9.91 15.09
CA THR B 69 32.79 10.77 15.88
C THR B 69 32.14 12.16 15.97
N GLU B 70 32.27 12.80 17.13
CA GLU B 70 31.73 14.14 17.31
C GLU B 70 32.62 15.15 16.59
N PHE B 71 32.01 16.05 15.81
CA PHE B 71 32.81 16.99 15.03
C PHE B 71 32.08 18.31 14.76
N THR B 72 32.86 19.36 14.53
CA THR B 72 32.31 20.68 14.20
C THR B 72 32.67 21.07 12.77
N PRO B 73 31.68 20.99 11.87
CA PRO B 73 31.89 21.31 10.45
C PRO B 73 32.35 22.74 10.23
N THR B 74 33.19 22.95 9.22
CA THR B 74 33.54 24.29 8.76
C THR B 74 33.39 24.31 7.24
N GLU B 75 33.51 25.49 6.64
CA GLU B 75 33.33 25.63 5.20
C GLU B 75 34.47 25.00 4.43
N LYS B 76 35.68 25.06 4.93
CA LYS B 76 36.84 24.56 4.20
C LYS B 76 37.34 23.17 4.55
N ASP B 77 37.01 22.67 5.71
CA ASP B 77 37.38 21.29 6.04
C ASP B 77 36.53 20.26 5.31
N GLU B 78 37.19 19.25 4.74
CA GLU B 78 36.54 18.17 4.01
C GLU B 78 36.75 16.82 4.64
N TYR B 79 35.67 16.12 4.83
CA TYR B 79 35.72 14.80 5.48
C TYR B 79 35.41 13.67 4.51
N ALA B 80 35.66 12.44 4.96
CA ALA B 80 35.35 11.26 4.17
C ALA B 80 35.36 10.01 5.03
N CYS B 81 34.97 8.89 4.44
CA CYS B 81 35.01 7.60 5.10
C CYS B 81 35.83 6.63 4.25
N ARG B 82 36.70 5.89 4.87
CA ARG B 82 37.52 4.94 4.16
C ARG B 82 37.35 3.56 4.73
N VAL B 83 37.07 2.65 3.83
CA VAL B 83 36.71 1.29 4.23
C VAL B 83 37.60 0.25 3.57
N ASN B 84 38.01 -0.74 4.37
CA ASN B 84 38.77 -1.88 3.87
C ASN B 84 38.02 -3.17 4.21
N HIS B 85 37.87 -4.04 3.22
CA HIS B 85 37.14 -5.29 3.39
C HIS B 85 37.63 -6.29 2.36
N VAL B 86 37.63 -7.57 2.71
CA VAL B 86 38.19 -8.61 1.85
C VAL B 86 37.63 -8.58 0.42
N THR B 87 36.41 -8.06 0.25
CA THR B 87 35.80 -8.01 -1.07
C THR B 87 36.30 -6.85 -1.94
N LEU B 88 37.02 -5.91 -1.32
CA LEU B 88 37.53 -4.75 -2.03
C LEU B 88 38.99 -4.92 -2.47
N SER B 89 39.27 -4.61 -3.73
CA SER B 89 40.63 -4.71 -4.25
C SER B 89 41.53 -3.61 -3.68
N GLN B 90 40.90 -2.56 -3.15
CA GLN B 90 41.60 -1.43 -2.55
C GLN B 90 40.64 -0.70 -1.62
N PRO B 91 41.19 0.14 -0.71
CA PRO B 91 40.31 0.92 0.18
C PRO B 91 39.28 1.70 -0.62
N LYS B 92 38.03 1.65 -0.17
CA LYS B 92 36.95 2.40 -0.79
C LYS B 92 36.74 3.70 -0.02
N ILE B 93 37.03 4.82 -0.66
CA ILE B 93 36.87 6.12 -0.02
C ILE B 93 35.61 6.83 -0.53
N VAL B 94 34.79 7.29 0.41
CA VAL B 94 33.58 8.04 0.07
C VAL B 94 33.60 9.40 0.77
N LYS B 95 33.55 10.47 -0.02
CA LYS B 95 33.61 11.82 0.53
C LYS B 95 32.27 12.25 1.13
N TRP B 96 32.32 12.92 2.27
CA TRP B 96 31.11 13.49 2.85
C TRP B 96 30.57 14.61 1.99
N ASP B 97 29.28 14.53 1.67
CA ASP B 97 28.60 15.59 0.92
C ASP B 97 27.38 16.07 1.69
N ARG B 98 27.31 17.38 1.90
CA ARG B 98 26.21 17.98 2.66
C ARG B 98 24.84 17.72 2.05
N ASP B 99 24.83 17.24 0.80
CA ASP B 99 23.58 17.02 0.08
C ASP B 99 23.33 15.56 -0.29
N MET B 100 23.77 14.63 0.55
CA MET B 100 23.51 13.20 0.35
C MET B 100 23.68 12.42 1.65
N LEU C 1 14.83 -10.95 27.68
CA LEU C 1 15.20 -12.19 28.34
C LEU C 1 15.85 -13.16 27.36
N TYR C 2 17.01 -13.69 27.72
CA TYR C 2 17.76 -14.59 26.85
C TYR C 2 17.20 -16.01 26.93
N ALA C 3 17.30 -16.73 25.82
CA ALA C 3 16.89 -18.13 25.80
C ALA C 3 17.79 -18.93 26.74
N SER C 4 17.16 -19.75 27.59
CA SER C 4 17.93 -20.58 28.51
C SER C 4 18.90 -21.48 27.77
N PRO C 5 19.93 -21.97 28.47
CA PRO C 5 20.96 -22.79 27.81
C PRO C 5 20.36 -24.00 27.11
N GLN C 6 21.01 -24.41 26.03
CA GLN C 6 20.69 -25.66 25.36
C GLN C 6 21.97 -26.42 25.07
N LEU C 7 21.99 -27.71 25.35
CA LEU C 7 23.00 -28.52 24.74
C LEU C 7 22.35 -29.50 23.79
N GLU C 8 23.16 -30.25 23.11
CA GLU C 8 22.80 -30.85 21.83
C GLU C 8 23.20 -29.82 20.79
N GLY C 9 24.49 -29.72 20.54
CA GLY C 9 24.99 -28.80 19.54
C GLY C 9 24.58 -29.26 18.16
N PHE C 10 25.36 -28.87 17.16
CA PHE C 10 25.09 -29.32 15.81
C PHE C 10 25.32 -30.81 15.68
N GLY D 2 -35.81 -4.53 -23.98
CA GLY D 2 -36.62 -3.65 -23.18
C GLY D 2 -36.22 -2.20 -23.33
N SER D 3 -36.45 -1.41 -22.29
CA SER D 3 -36.05 0.00 -22.30
C SER D 3 -34.54 0.13 -22.25
N HIS D 4 -34.02 1.23 -22.79
CA HIS D 4 -32.59 1.48 -22.79
C HIS D 4 -32.27 2.93 -22.48
N SER D 5 -30.99 3.20 -22.21
CA SER D 5 -30.55 4.56 -21.91
C SER D 5 -29.14 4.83 -22.41
N MET D 6 -28.88 6.07 -22.79
CA MET D 6 -27.53 6.53 -23.07
C MET D 6 -27.21 7.68 -22.13
N ARG D 7 -26.06 7.60 -21.46
CA ARG D 7 -25.67 8.59 -20.47
C ARG D 7 -24.25 9.08 -20.70
N TYR D 8 -24.05 10.38 -20.50
CA TYR D 8 -22.70 10.93 -20.49
C TYR D 8 -22.42 11.57 -19.14
N PHE D 9 -21.32 11.17 -18.52
CA PHE D 9 -20.94 11.71 -17.23
C PHE D 9 -19.61 12.45 -17.34
N SER D 10 -19.59 13.73 -16.98
CA SER D 10 -18.37 14.50 -17.02
C SER D 10 -18.02 15.01 -15.63
N THR D 11 -16.73 15.04 -15.31
CA THR D 11 -16.26 15.49 -14.01
C THR D 11 -15.10 16.46 -14.17
N SER D 12 -15.27 17.68 -13.68
CA SER D 12 -14.20 18.66 -13.70
C SER D 12 -13.69 18.93 -12.29
N VAL D 13 -12.38 18.84 -12.12
CA VAL D 13 -11.77 19.08 -10.83
C VAL D 13 -10.70 20.16 -10.95
N SER D 14 -10.93 21.30 -10.30
CA SER D 14 -9.93 22.36 -10.29
C SER D 14 -8.73 21.93 -9.46
N ARG D 15 -7.57 22.47 -9.78
CA ARG D 15 -6.34 22.18 -9.06
C ARG D 15 -5.50 23.44 -9.01
N PRO D 16 -5.80 24.34 -8.06
CA PRO D 16 -5.16 25.65 -7.92
C PRO D 16 -3.66 25.51 -7.73
N GLY D 17 -2.89 26.18 -8.58
CA GLY D 17 -1.45 26.13 -8.50
C GLY D 17 -0.84 25.10 -9.44
N ARG D 18 -1.66 24.29 -10.09
CA ARG D 18 -1.18 23.24 -10.96
C ARG D 18 -1.79 23.22 -12.30
N GLY D 19 -2.29 24.33 -12.72
CA GLY D 19 -2.80 24.46 -14.07
C GLY D 19 -4.31 24.36 -14.19
N GLU D 20 -4.84 24.18 -15.37
CA GLU D 20 -6.27 24.13 -15.53
C GLU D 20 -6.81 22.82 -14.99
N PRO D 21 -8.09 22.79 -14.65
CA PRO D 21 -8.82 21.68 -14.03
C PRO D 21 -8.85 20.45 -14.94
N ARG D 22 -8.89 19.26 -14.33
CA ARG D 22 -8.95 18.03 -15.09
C ARG D 22 -10.39 17.69 -15.48
N PHE D 23 -10.59 17.45 -16.77
CA PHE D 23 -11.91 17.10 -17.29
C PHE D 23 -11.92 15.65 -17.76
N ILE D 24 -12.77 14.84 -17.16
CA ILE D 24 -12.91 13.44 -17.54
C ILE D 24 -14.36 13.13 -17.87
N ALA D 25 -14.60 12.59 -19.06
CA ALA D 25 -15.95 12.29 -19.49
C ALA D 25 -16.08 10.85 -19.98
N VAL D 26 -17.16 10.18 -19.57
CA VAL D 26 -17.42 8.81 -19.98
C VAL D 26 -18.81 8.69 -20.60
N GLY D 27 -18.92 7.84 -21.61
CA GLY D 27 -20.20 7.57 -22.25
C GLY D 27 -20.70 6.17 -21.92
N TYR D 28 -21.99 6.05 -21.64
CA TYR D 28 -22.57 4.77 -21.26
C TYR D 28 -23.84 4.46 -22.05
N VAL D 29 -23.91 3.23 -22.55
CA VAL D 29 -25.17 2.67 -23.03
C VAL D 29 -25.61 1.61 -22.03
N ASP D 30 -26.72 1.90 -21.34
CA ASP D 30 -27.15 1.06 -20.21
C ASP D 30 -25.89 0.98 -19.35
N ASP D 31 -25.53 -0.23 -18.96
CA ASP D 31 -24.45 -0.45 -18.00
C ASP D 31 -23.13 -0.75 -18.69
N THR D 32 -23.08 -0.49 -19.99
CA THR D 32 -21.87 -0.68 -20.77
C THR D 32 -21.27 0.67 -21.15
N GLN D 33 -20.01 0.89 -20.78
CA GLN D 33 -19.28 2.09 -21.19
C GLN D 33 -18.75 1.88 -22.61
N PHE D 34 -18.77 2.94 -23.42
CA PHE D 34 -18.29 2.80 -24.79
C PHE D 34 -17.27 3.86 -25.25
N VAL D 35 -17.23 5.01 -24.59
CA VAL D 35 -16.21 6.01 -24.88
C VAL D 35 -15.69 6.73 -23.64
N ARG D 36 -14.63 7.52 -23.82
CA ARG D 36 -14.06 8.30 -22.74
C ARG D 36 -13.23 9.46 -23.27
N PHE D 37 -13.10 10.51 -22.46
CA PHE D 37 -12.20 11.60 -22.77
C PHE D 37 -11.50 12.10 -21.51
N ASP D 38 -10.18 12.22 -21.59
CA ASP D 38 -9.36 12.66 -20.47
C ASP D 38 -8.47 13.83 -20.89
N SER D 39 -8.77 15.01 -20.37
CA SER D 39 -8.04 16.21 -20.77
C SER D 39 -6.54 16.11 -20.52
N ASP D 40 -6.14 15.24 -19.60
CA ASP D 40 -4.73 15.05 -19.28
C ASP D 40 -4.04 14.04 -20.21
N ALA D 41 -4.84 13.27 -20.94
CA ALA D 41 -4.30 12.23 -21.80
C ALA D 41 -3.56 12.79 -23.02
N ALA D 42 -2.63 11.99 -23.54
CA ALA D 42 -1.78 12.40 -24.64
C ALA D 42 -2.50 12.43 -25.98
N SER D 43 -3.53 11.58 -26.13
CA SER D 43 -4.24 11.47 -27.40
C SER D 43 -5.02 12.73 -27.74
N GLN D 44 -5.64 13.33 -26.73
CA GLN D 44 -6.52 14.48 -26.94
C GLN D 44 -7.64 14.12 -27.91
N ARG D 45 -8.11 12.88 -27.80
CA ARG D 45 -9.17 12.36 -28.67
C ARG D 45 -10.21 11.60 -27.84
N MET D 46 -11.43 11.53 -28.35
CA MET D 46 -12.41 10.62 -27.76
C MET D 46 -11.94 9.20 -28.06
N GLU D 47 -11.98 8.35 -27.04
CA GLU D 47 -11.44 7.00 -27.19
C GLU D 47 -12.50 5.93 -26.99
N PRO D 48 -12.43 4.87 -27.81
CA PRO D 48 -13.36 3.73 -27.73
C PRO D 48 -13.09 2.90 -26.47
N ARG D 49 -14.15 2.52 -25.77
CA ARG D 49 -14.02 1.69 -24.58
C ARG D 49 -14.98 0.50 -24.66
N ALA D 50 -15.46 0.24 -25.87
CA ALA D 50 -16.26 -0.94 -26.16
C ALA D 50 -15.99 -1.37 -27.59
N PRO D 51 -16.08 -2.68 -27.87
CA PRO D 51 -15.78 -3.21 -29.21
C PRO D 51 -16.71 -2.66 -30.29
N TRP D 52 -18.01 -2.57 -30.01
CA TRP D 52 -18.99 -2.22 -31.04
C TRP D 52 -18.90 -0.77 -31.53
N ILE D 53 -18.12 0.05 -30.84
CA ILE D 53 -18.01 1.46 -31.20
C ILE D 53 -16.81 1.69 -32.12
N GLU D 54 -15.96 0.69 -32.23
CA GLU D 54 -14.73 0.82 -33.01
C GLU D 54 -15.03 0.87 -34.51
N GLN D 55 -16.17 0.32 -34.90
CA GLN D 55 -16.55 0.28 -36.31
C GLN D 55 -16.90 1.66 -36.87
N GLU D 56 -16.94 2.66 -36.00
CA GLU D 56 -17.25 4.03 -36.42
C GLU D 56 -16.07 4.65 -37.17
N GLY D 57 -16.38 5.40 -38.22
CA GLY D 57 -15.36 6.00 -39.06
C GLY D 57 -14.73 7.24 -38.46
N PRO D 58 -13.75 7.82 -39.16
CA PRO D 58 -13.02 9.02 -38.72
C PRO D 58 -13.94 10.21 -38.43
N GLU D 59 -14.96 10.42 -39.26
CA GLU D 59 -15.89 11.52 -39.05
C GLU D 59 -16.42 11.51 -37.63
N TYR D 60 -16.83 10.33 -37.17
CA TYR D 60 -17.41 10.19 -35.84
C TYR D 60 -16.46 10.64 -34.75
N TRP D 61 -15.22 10.16 -34.81
CA TRP D 61 -14.23 10.48 -33.79
C TRP D 61 -13.76 11.93 -33.86
N ASP D 62 -13.86 12.53 -35.04
CA ASP D 62 -13.54 13.94 -35.20
C ASP D 62 -14.63 14.83 -34.59
N GLU D 63 -15.88 14.44 -34.76
CA GLU D 63 -17.01 15.22 -34.27
C GLU D 63 -17.20 15.07 -32.76
N GLU D 64 -17.12 13.83 -32.28
CA GLU D 64 -17.23 13.58 -30.84
C GLU D 64 -16.11 14.26 -30.07
N THR D 65 -14.90 14.20 -30.60
CA THR D 65 -13.74 14.82 -29.95
C THR D 65 -13.93 16.33 -29.80
N GLY D 66 -14.31 16.99 -30.89
CA GLY D 66 -14.55 18.43 -30.87
C GLY D 66 -15.64 18.80 -29.88
N LYS D 67 -16.71 18.00 -29.84
CA LYS D 67 -17.83 18.28 -28.95
C LYS D 67 -17.45 18.16 -27.48
N VAL D 68 -16.66 17.13 -27.15
CA VAL D 68 -16.30 16.87 -25.77
C VAL D 68 -15.21 17.82 -25.26
N LYS D 69 -14.37 18.29 -26.18
CA LYS D 69 -13.35 19.27 -25.81
C LYS D 69 -14.03 20.61 -25.51
N ALA D 70 -15.08 20.91 -26.26
CA ALA D 70 -15.83 22.15 -26.07
C ALA D 70 -16.54 22.13 -24.73
N HIS D 71 -17.01 20.95 -24.33
CA HIS D 71 -17.61 20.77 -23.01
C HIS D 71 -16.54 20.93 -21.94
N SER D 72 -15.32 20.53 -22.27
CA SER D 72 -14.18 20.70 -21.37
C SER D 72 -13.96 22.17 -21.06
N GLN D 73 -13.92 23.00 -22.09
CA GLN D 73 -13.68 24.43 -21.93
C GLN D 73 -14.86 25.12 -21.24
N THR D 74 -16.07 24.67 -21.55
CA THR D 74 -17.25 25.21 -20.91
C THR D 74 -17.22 24.98 -19.40
N ASP D 75 -17.07 23.72 -18.99
CA ASP D 75 -17.00 23.40 -17.57
C ASP D 75 -15.89 24.19 -16.91
N ARG D 76 -14.79 24.41 -17.64
CA ARG D 76 -13.68 25.19 -17.11
C ARG D 76 -14.14 26.59 -16.75
N GLU D 77 -14.92 27.21 -17.65
CA GLU D 77 -15.46 28.54 -17.40
C GLU D 77 -16.52 28.52 -16.31
N ASN D 78 -17.28 27.43 -16.24
CA ASN D 78 -18.34 27.32 -15.24
C ASN D 78 -17.80 27.22 -13.82
N LEU D 79 -16.64 26.57 -13.66
CA LEU D 79 -16.00 26.51 -12.36
C LEU D 79 -15.60 27.90 -11.90
N ARG D 80 -15.04 28.67 -12.82
CA ARG D 80 -14.60 30.03 -12.50
C ARG D 80 -15.78 30.88 -12.06
N ILE D 81 -16.90 30.73 -12.75
CA ILE D 81 -18.10 31.51 -12.46
C ILE D 81 -18.70 31.13 -11.10
N ALA D 82 -18.78 29.85 -10.83
CA ALA D 82 -19.29 29.37 -9.55
C ALA D 82 -18.44 29.93 -8.41
N LEU D 83 -17.13 29.84 -8.56
CA LEU D 83 -16.18 30.39 -7.60
C LEU D 83 -16.59 31.81 -7.24
N ARG D 84 -16.84 32.60 -8.28
CA ARG D 84 -17.18 34.01 -8.13
C ARG D 84 -18.57 34.21 -7.53
N TYR D 85 -19.53 33.38 -7.92
CA TYR D 85 -20.88 33.47 -7.39
C TYR D 85 -20.92 33.28 -5.88
N TYR D 86 -20.23 32.26 -5.39
CA TYR D 86 -20.20 31.97 -3.97
C TYR D 86 -19.14 32.78 -3.25
N ASN D 87 -18.28 33.44 -4.02
CA ASN D 87 -17.15 34.17 -3.47
C ASN D 87 -16.28 33.25 -2.62
N GLN D 88 -15.82 32.15 -3.22
CA GLN D 88 -14.96 31.19 -2.55
C GLN D 88 -13.50 31.46 -2.86
N SER D 89 -12.61 30.98 -1.98
CA SER D 89 -11.18 31.16 -2.16
C SER D 89 -10.64 30.41 -3.37
N GLU D 90 -9.57 30.94 -3.95
CA GLU D 90 -8.94 30.31 -5.10
C GLU D 90 -7.89 29.29 -4.67
N ALA D 91 -7.79 29.10 -3.36
CA ALA D 91 -6.86 28.12 -2.79
C ALA D 91 -7.50 26.74 -2.73
N GLY D 92 -8.82 26.71 -2.81
CA GLY D 92 -9.57 25.47 -2.63
C GLY D 92 -9.96 24.79 -3.92
N SER D 93 -9.82 23.47 -3.95
CA SER D 93 -10.24 22.68 -5.09
C SER D 93 -11.76 22.48 -5.06
N HIS D 94 -12.38 22.56 -6.23
CA HIS D 94 -13.82 22.40 -6.34
C HIS D 94 -14.16 21.51 -7.52
N THR D 95 -15.33 20.89 -7.45
CA THR D 95 -15.75 19.95 -8.50
C THR D 95 -17.00 20.42 -9.21
N LEU D 96 -17.11 20.06 -10.48
CA LEU D 96 -18.30 20.32 -11.26
C LEU D 96 -18.61 19.07 -12.07
N GLN D 97 -19.80 18.52 -11.85
CA GLN D 97 -20.21 17.31 -12.57
C GLN D 97 -21.38 17.64 -13.48
N MET D 98 -21.46 16.93 -14.59
CA MET D 98 -22.61 17.04 -15.47
C MET D 98 -23.05 15.68 -15.98
N MET D 99 -24.35 15.47 -16.04
CA MET D 99 -24.90 14.26 -16.63
C MET D 99 -25.99 14.64 -17.63
N PHE D 100 -25.96 14.00 -18.78
CA PHE D 100 -27.01 14.19 -19.78
C PHE D 100 -27.19 12.91 -20.58
N GLY D 101 -28.40 12.73 -21.12
CA GLY D 101 -28.71 11.54 -21.90
C GLY D 101 -30.20 11.34 -22.01
N CYS D 102 -30.60 10.22 -22.59
CA CYS D 102 -32.01 9.96 -22.84
C CYS D 102 -32.42 8.50 -22.58
N ASP D 103 -33.70 8.31 -22.30
CA ASP D 103 -34.26 6.97 -22.12
C ASP D 103 -35.21 6.68 -23.28
N VAL D 104 -35.15 5.46 -23.81
CA VAL D 104 -36.05 5.04 -24.87
C VAL D 104 -36.78 3.77 -24.47
N GLY D 105 -37.84 3.44 -25.20
CA GLY D 105 -38.62 2.24 -24.93
C GLY D 105 -38.19 1.08 -25.80
N SER D 106 -39.04 0.08 -25.90
CA SER D 106 -38.75 -1.11 -26.70
C SER D 106 -38.86 -0.82 -28.19
N ASP D 107 -39.70 0.16 -28.54
CA ASP D 107 -39.82 0.61 -29.92
C ASP D 107 -38.75 1.64 -30.27
N GLY D 108 -37.89 1.92 -29.31
CA GLY D 108 -36.77 2.83 -29.52
C GLY D 108 -37.17 4.29 -29.62
N ARG D 109 -38.37 4.61 -29.14
CA ARG D 109 -38.84 6.00 -29.19
C ARG D 109 -38.57 6.73 -27.87
N PHE D 110 -38.47 8.05 -27.95
CA PHE D 110 -38.12 8.86 -26.79
C PHE D 110 -38.98 8.50 -25.57
N LEU D 111 -38.37 8.53 -24.40
CA LEU D 111 -39.08 8.29 -23.15
C LEU D 111 -38.76 9.43 -22.18
N ARG D 112 -37.48 9.61 -21.89
CA ARG D 112 -37.06 10.66 -20.97
C ARG D 112 -35.70 11.30 -21.29
N GLY D 113 -35.53 12.56 -20.89
CA GLY D 113 -34.29 13.29 -21.14
C GLY D 113 -33.70 13.95 -19.90
N TYR D 114 -32.38 14.03 -19.85
CA TYR D 114 -31.70 14.57 -18.69
C TYR D 114 -30.62 15.58 -19.09
N HIS D 115 -30.42 16.57 -18.24
CA HIS D 115 -29.43 17.61 -18.47
C HIS D 115 -29.24 18.35 -17.14
N GLN D 116 -28.29 17.88 -16.34
CA GLN D 116 -28.16 18.39 -14.98
C GLN D 116 -26.70 18.57 -14.50
N TYR D 117 -26.51 19.49 -13.57
CA TYR D 117 -25.19 19.83 -13.05
C TYR D 117 -25.13 19.66 -11.54
N ALA D 118 -23.95 19.28 -11.04
CA ALA D 118 -23.72 19.27 -9.60
C ALA D 118 -22.40 19.98 -9.25
N TYR D 119 -22.44 20.79 -8.20
CA TYR D 119 -21.26 21.50 -7.75
C TYR D 119 -20.82 20.97 -6.39
N ASP D 120 -19.57 20.52 -6.30
CA ASP D 120 -19.05 19.95 -5.07
C ASP D 120 -19.96 18.87 -4.50
N GLY D 121 -20.51 18.04 -5.38
CA GLY D 121 -21.32 16.90 -4.97
C GLY D 121 -22.79 17.19 -4.74
N LYS D 122 -23.18 18.45 -4.87
CA LYS D 122 -24.57 18.84 -4.64
C LYS D 122 -25.23 19.37 -5.92
N ASP D 123 -26.53 19.18 -6.02
CA ASP D 123 -27.29 19.67 -7.17
C ASP D 123 -27.09 21.17 -7.36
N TYR D 124 -26.83 21.59 -8.59
CA TYR D 124 -26.70 23.00 -8.91
C TYR D 124 -27.88 23.47 -9.75
N ILE D 125 -28.00 22.93 -10.96
CA ILE D 125 -29.14 23.21 -11.82
C ILE D 125 -29.47 21.97 -12.64
N ALA D 126 -30.75 21.65 -12.74
CA ALA D 126 -31.17 20.45 -13.44
C ALA D 126 -32.38 20.72 -14.33
N LEU D 127 -32.33 20.21 -15.56
CA LEU D 127 -33.45 20.33 -16.47
C LEU D 127 -34.61 19.46 -15.99
N LYS D 128 -35.81 20.01 -16.00
CA LYS D 128 -36.98 19.28 -15.52
C LYS D 128 -37.51 18.32 -16.59
N GLU D 129 -38.33 17.36 -16.15
CA GLU D 129 -38.86 16.34 -17.05
C GLU D 129 -39.41 16.90 -18.37
N ASP D 130 -40.20 17.96 -18.29
CA ASP D 130 -40.85 18.51 -19.48
C ASP D 130 -39.88 19.20 -20.44
N LEU D 131 -38.61 19.28 -20.04
CA LEU D 131 -37.56 19.85 -20.87
C LEU D 131 -37.87 21.30 -21.26
N ARG D 132 -38.55 22.02 -20.38
CA ARG D 132 -38.91 23.42 -20.63
C ARG D 132 -38.58 24.30 -19.44
N SER D 133 -38.35 23.68 -18.29
CA SER D 133 -38.09 24.42 -17.07
C SER D 133 -36.90 23.85 -16.30
N TRP D 134 -36.28 24.70 -15.48
CA TRP D 134 -35.12 24.30 -14.70
C TRP D 134 -35.44 24.35 -13.22
N THR D 135 -34.77 23.50 -12.45
CA THR D 135 -34.82 23.59 -11.00
C THR D 135 -33.48 24.11 -10.48
N ALA D 136 -33.48 25.34 -9.97
CA ALA D 136 -32.25 25.95 -9.47
C ALA D 136 -32.09 25.68 -7.98
N ALA D 137 -31.03 24.96 -7.63
CA ALA D 137 -30.82 24.49 -6.27
C ALA D 137 -30.70 25.60 -5.24
N ASP D 138 -29.92 26.63 -5.55
CA ASP D 138 -29.76 27.74 -4.62
C ASP D 138 -29.81 29.09 -5.33
N MET D 139 -29.51 30.15 -4.58
CA MET D 139 -29.63 31.51 -5.09
C MET D 139 -28.59 31.82 -6.15
N ALA D 140 -27.50 31.07 -6.14
CA ALA D 140 -26.47 31.20 -7.18
C ALA D 140 -26.92 30.46 -8.43
N ALA D 141 -27.58 29.33 -8.24
CA ALA D 141 -28.09 28.54 -9.35
C ALA D 141 -29.26 29.26 -10.01
N GLN D 142 -29.94 30.10 -9.24
CA GLN D 142 -31.08 30.86 -9.74
C GLN D 142 -30.65 31.96 -10.69
N ILE D 143 -29.40 32.40 -10.56
CA ILE D 143 -28.84 33.38 -11.47
C ILE D 143 -28.64 32.74 -12.84
N THR D 144 -28.22 31.48 -12.85
CA THR D 144 -28.02 30.74 -14.08
C THR D 144 -29.36 30.41 -14.72
N LYS D 145 -30.33 30.05 -13.88
CA LYS D 145 -31.66 29.69 -14.34
C LYS D 145 -32.30 30.82 -15.14
N ARG D 146 -32.12 32.05 -14.69
CA ARG D 146 -32.62 33.21 -15.42
C ARG D 146 -31.90 33.38 -16.75
N LYS D 147 -30.57 33.36 -16.70
CA LYS D 147 -29.76 33.49 -17.91
C LYS D 147 -30.11 32.44 -18.94
N TRP D 148 -30.37 31.22 -18.50
CA TRP D 148 -30.70 30.13 -19.41
C TRP D 148 -32.13 30.23 -19.92
N GLU D 149 -32.99 30.87 -19.14
CA GLU D 149 -34.38 31.08 -19.56
C GLU D 149 -34.47 32.13 -20.66
N ALA D 150 -33.69 33.19 -20.52
CA ALA D 150 -33.67 34.25 -21.51
C ALA D 150 -32.94 33.81 -22.77
N ALA D 151 -32.09 32.80 -22.64
CA ALA D 151 -31.31 32.31 -23.77
C ALA D 151 -31.93 31.06 -24.40
N HIS D 152 -33.11 30.67 -23.92
CA HIS D 152 -33.82 29.50 -24.42
C HIS D 152 -32.91 28.26 -24.45
N VAL D 153 -32.18 28.05 -23.38
CA VAL D 153 -31.24 26.92 -23.31
C VAL D 153 -31.99 25.59 -23.31
N ALA D 154 -33.17 25.58 -22.69
CA ALA D 154 -33.98 24.36 -22.62
C ALA D 154 -34.38 23.89 -24.01
N GLU D 155 -34.68 24.83 -24.90
CA GLU D 155 -35.09 24.51 -26.27
C GLU D 155 -33.99 23.78 -27.02
N GLN D 156 -32.75 24.25 -26.86
CA GLN D 156 -31.61 23.66 -27.54
C GLN D 156 -31.38 22.22 -27.11
N GLN D 157 -31.47 21.99 -25.81
CA GLN D 157 -31.21 20.67 -25.25
C GLN D 157 -32.38 19.73 -25.50
N ARG D 158 -33.59 20.26 -25.38
CA ARG D 158 -34.80 19.52 -25.68
C ARG D 158 -34.69 18.90 -27.07
N ALA D 159 -34.08 19.64 -27.99
CA ALA D 159 -33.92 19.20 -29.36
C ALA D 159 -32.95 18.02 -29.46
N TYR D 160 -31.84 18.09 -28.74
CA TYR D 160 -30.83 17.05 -28.75
C TYR D 160 -31.33 15.76 -28.10
N LEU D 161 -32.06 15.90 -27.00
CA LEU D 161 -32.51 14.76 -26.22
C LEU D 161 -33.64 13.97 -26.92
N GLU D 162 -34.39 14.65 -27.78
CA GLU D 162 -35.47 14.00 -28.51
C GLU D 162 -35.04 13.64 -29.92
N GLY D 163 -33.90 14.18 -30.34
CA GLY D 163 -33.38 13.92 -31.67
C GLY D 163 -32.11 13.10 -31.66
N THR D 164 -30.97 13.78 -31.79
CA THR D 164 -29.67 13.13 -31.84
C THR D 164 -29.50 12.02 -30.81
N CYS D 165 -29.85 12.31 -29.56
CA CYS D 165 -29.66 11.36 -28.47
C CYS D 165 -30.42 10.06 -28.72
N VAL D 166 -31.69 10.18 -29.11
CA VAL D 166 -32.51 9.01 -29.41
C VAL D 166 -31.96 8.24 -30.61
N ASP D 167 -31.52 8.96 -31.63
CA ASP D 167 -31.01 8.34 -32.85
C ASP D 167 -29.68 7.62 -32.62
N GLY D 168 -28.74 8.33 -31.98
CA GLY D 168 -27.45 7.73 -31.67
C GLY D 168 -27.60 6.48 -30.84
N LEU D 169 -28.52 6.51 -29.88
CA LEU D 169 -28.79 5.35 -29.04
C LEU D 169 -29.29 4.19 -29.89
N ARG D 170 -30.26 4.47 -30.76
CA ARG D 170 -30.82 3.44 -31.63
C ARG D 170 -29.73 2.83 -32.51
N ARG D 171 -28.85 3.67 -33.04
CA ARG D 171 -27.75 3.22 -33.86
C ARG D 171 -26.79 2.31 -33.09
N TYR D 172 -26.53 2.65 -31.83
CA TYR D 172 -25.64 1.86 -30.99
C TYR D 172 -26.25 0.53 -30.61
N LEU D 173 -27.56 0.51 -30.38
CA LEU D 173 -28.25 -0.72 -30.02
C LEU D 173 -28.24 -1.74 -31.15
N GLU D 174 -28.22 -1.26 -32.38
CA GLU D 174 -28.15 -2.14 -33.54
C GLU D 174 -26.72 -2.62 -33.79
N ASN D 175 -25.78 -1.70 -33.82
CA ASN D 175 -24.38 -2.04 -34.01
C ASN D 175 -23.83 -2.98 -32.94
N GLY D 176 -24.19 -2.71 -31.70
CA GLY D 176 -23.77 -3.55 -30.58
C GLY D 176 -24.83 -4.56 -30.22
N LYS D 177 -25.73 -4.83 -31.18
CA LYS D 177 -26.83 -5.77 -31.01
C LYS D 177 -26.47 -6.94 -30.10
N GLU D 178 -25.46 -7.71 -30.49
CA GLU D 178 -25.06 -8.91 -29.77
C GLU D 178 -24.76 -8.64 -28.29
N THR D 179 -24.13 -7.50 -28.03
CA THR D 179 -23.66 -7.17 -26.68
C THR D 179 -24.71 -6.44 -25.84
N LEU D 180 -25.25 -5.36 -26.39
CA LEU D 180 -26.11 -4.46 -25.61
C LEU D 180 -27.54 -4.95 -25.46
N GLN D 181 -27.99 -5.79 -26.39
CA GLN D 181 -29.37 -6.25 -26.38
C GLN D 181 -29.53 -7.56 -25.60
N ARG D 182 -28.42 -8.05 -25.06
CA ARG D 182 -28.43 -9.32 -24.35
C ARG D 182 -28.74 -9.15 -22.87
N THR D 183 -29.30 -10.18 -22.26
CA THR D 183 -29.45 -10.24 -20.82
C THR D 183 -28.85 -11.55 -20.31
N ASP D 184 -27.95 -11.45 -19.35
CA ASP D 184 -27.40 -12.62 -18.70
C ASP D 184 -28.12 -12.81 -17.38
N PRO D 185 -28.78 -13.97 -17.21
CA PRO D 185 -29.49 -14.22 -15.96
C PRO D 185 -28.48 -14.46 -14.85
N PRO D 186 -28.81 -14.06 -13.62
CA PRO D 186 -27.88 -14.24 -12.50
C PRO D 186 -27.68 -15.71 -12.17
N LYS D 187 -26.44 -16.12 -11.95
CA LYS D 187 -26.18 -17.42 -11.38
C LYS D 187 -26.33 -17.32 -9.87
N THR D 188 -27.22 -18.12 -9.32
CA THR D 188 -27.56 -17.99 -7.91
C THR D 188 -27.17 -19.20 -7.09
N HIS D 189 -26.72 -18.94 -5.87
CA HIS D 189 -26.45 -19.99 -4.91
C HIS D 189 -26.41 -19.35 -3.52
N MET D 190 -26.06 -20.13 -2.52
CA MET D 190 -26.20 -19.69 -1.14
C MET D 190 -25.13 -20.28 -0.22
N THR D 191 -24.53 -19.44 0.61
CA THR D 191 -23.50 -19.87 1.54
C THR D 191 -23.93 -19.79 3.00
N HIS D 192 -23.32 -20.62 3.85
CA HIS D 192 -23.64 -20.69 5.26
C HIS D 192 -22.40 -20.43 6.11
N HIS D 193 -22.49 -19.50 7.05
CA HIS D 193 -21.35 -19.12 7.89
C HIS D 193 -21.70 -18.96 9.35
N PRO D 194 -21.39 -19.99 10.16
CA PRO D 194 -21.64 -19.97 11.62
C PRO D 194 -20.82 -18.91 12.33
N ILE D 195 -21.48 -18.09 13.15
CA ILE D 195 -20.77 -17.11 13.98
C ILE D 195 -20.53 -17.68 15.37
N SER D 196 -21.58 -18.21 15.97
CA SER D 196 -21.50 -18.81 17.30
C SER D 196 -22.29 -20.11 17.34
N ASP D 197 -22.51 -20.62 18.55
CA ASP D 197 -23.23 -21.88 18.72
C ASP D 197 -24.73 -21.74 18.41
N HIS D 198 -25.25 -20.52 18.55
CA HIS D 198 -26.68 -20.31 18.44
C HIS D 198 -27.12 -19.44 17.24
N GLU D 199 -26.15 -18.96 16.47
CA GLU D 199 -26.44 -18.13 15.30
C GLU D 199 -25.57 -18.49 14.10
N ALA D 200 -26.07 -18.16 12.90
CA ALA D 200 -25.36 -18.45 11.66
C ALA D 200 -25.83 -17.53 10.54
N THR D 201 -24.92 -17.20 9.63
CA THR D 201 -25.24 -16.31 8.51
C THR D 201 -25.52 -17.05 7.21
N LEU D 202 -26.75 -16.95 6.72
CA LEU D 202 -27.07 -17.42 5.38
C LEU D 202 -26.85 -16.29 4.41
N ARG D 203 -25.99 -16.52 3.41
CA ARG D 203 -25.71 -15.50 2.40
C ARG D 203 -26.19 -15.94 1.02
N CYS D 204 -26.98 -15.09 0.38
CA CYS D 204 -27.56 -15.39 -0.93
C CYS D 204 -26.84 -14.64 -2.04
N TRP D 205 -26.29 -15.40 -2.98
CA TRP D 205 -25.42 -14.84 -4.03
C TRP D 205 -26.11 -14.70 -5.38
N ALA D 206 -25.78 -13.62 -6.09
CA ALA D 206 -26.17 -13.46 -7.48
C ALA D 206 -24.93 -13.09 -8.27
N LEU D 207 -24.60 -13.92 -9.28
CA LEU D 207 -23.35 -13.78 -10.02
C LEU D 207 -23.52 -13.73 -11.54
N GLY D 208 -22.65 -12.96 -12.19
CA GLY D 208 -22.59 -12.90 -13.64
C GLY D 208 -23.87 -12.47 -14.34
N PHE D 209 -24.49 -11.40 -13.85
CA PHE D 209 -25.71 -10.91 -14.48
C PHE D 209 -25.54 -9.58 -15.22
N TYR D 210 -26.46 -9.31 -16.14
CA TYR D 210 -26.50 -8.07 -16.89
C TYR D 210 -27.91 -7.88 -17.43
N PRO D 211 -28.48 -6.68 -17.28
CA PRO D 211 -27.88 -5.47 -16.72
C PRO D 211 -27.62 -5.58 -15.22
N ALA D 212 -27.13 -4.50 -14.61
CA ALA D 212 -26.77 -4.50 -13.20
C ALA D 212 -27.99 -4.41 -12.28
N GLU D 213 -29.09 -3.89 -12.81
CA GLU D 213 -30.34 -3.81 -12.05
C GLU D 213 -30.78 -5.19 -11.55
N ILE D 214 -30.91 -5.34 -10.24
CA ILE D 214 -31.35 -6.60 -9.65
C ILE D 214 -31.98 -6.35 -8.29
N THR D 215 -32.61 -7.37 -7.74
CA THR D 215 -33.25 -7.25 -6.42
C THR D 215 -33.15 -8.54 -5.63
N LEU D 216 -32.43 -8.48 -4.51
CA LEU D 216 -32.30 -9.62 -3.61
C LEU D 216 -33.09 -9.36 -2.33
N THR D 217 -34.01 -10.26 -2.00
CA THR D 217 -34.85 -10.12 -0.82
C THR D 217 -34.82 -11.41 0.01
N TRP D 218 -34.93 -11.27 1.34
CA TRP D 218 -35.03 -12.42 2.22
C TRP D 218 -36.42 -12.54 2.81
N GLN D 219 -36.85 -13.76 3.08
CA GLN D 219 -38.15 -13.99 3.70
C GLN D 219 -38.08 -15.10 4.74
N ARG D 220 -38.80 -14.91 5.85
CA ARG D 220 -38.87 -15.92 6.91
C ARG D 220 -40.31 -16.39 7.07
N ASP D 221 -40.55 -17.66 6.77
CA ASP D 221 -41.89 -18.24 6.87
C ASP D 221 -42.85 -17.60 5.88
N GLY D 222 -42.37 -16.61 5.13
CA GLY D 222 -43.17 -15.92 4.14
C GLY D 222 -43.17 -14.42 4.30
N GLU D 223 -42.59 -13.93 5.40
CA GLU D 223 -42.56 -12.51 5.70
C GLU D 223 -41.25 -11.89 5.19
N ASP D 224 -41.27 -10.58 4.96
CA ASP D 224 -40.09 -9.87 4.44
C ASP D 224 -39.15 -9.47 5.57
N GLN D 225 -37.87 -9.82 5.44
CA GLN D 225 -36.89 -9.55 6.47
C GLN D 225 -36.04 -8.33 6.15
N THR D 226 -36.69 -7.20 5.92
CA THR D 226 -36.00 -5.98 5.47
C THR D 226 -34.96 -5.48 6.45
N GLN D 227 -35.42 -5.03 7.62
CA GLN D 227 -34.53 -4.37 8.59
C GLN D 227 -33.60 -5.33 9.34
N ASP D 228 -33.23 -6.43 8.69
CA ASP D 228 -32.29 -7.38 9.29
C ASP D 228 -31.42 -8.01 8.20
N THR D 229 -31.67 -7.61 6.96
CA THR D 229 -30.91 -8.10 5.82
C THR D 229 -29.74 -7.19 5.48
N GLU D 230 -28.54 -7.72 5.58
CA GLU D 230 -27.35 -6.98 5.14
C GLU D 230 -27.26 -7.03 3.62
N LEU D 231 -27.05 -5.86 3.02
CA LEU D 231 -27.02 -5.74 1.57
C LEU D 231 -25.75 -5.02 1.12
N VAL D 232 -25.14 -5.48 0.03
CA VAL D 232 -24.00 -4.79 -0.53
C VAL D 232 -24.38 -4.05 -1.82
N GLU D 233 -23.52 -3.14 -2.26
CA GLU D 233 -23.76 -2.46 -3.52
C GLU D 233 -23.53 -3.44 -4.66
N THR D 234 -24.41 -3.42 -5.65
CA THR D 234 -24.19 -4.20 -6.85
C THR D 234 -22.82 -3.79 -7.41
N ARG D 235 -22.02 -4.78 -7.78
CA ARG D 235 -20.62 -4.53 -8.13
C ARG D 235 -20.26 -5.18 -9.46
N PRO D 236 -19.40 -4.52 -10.24
CA PRO D 236 -18.92 -5.08 -11.52
C PRO D 236 -17.90 -6.20 -11.32
N ALA D 237 -17.97 -7.23 -12.14
CA ALA D 237 -17.02 -8.33 -12.07
C ALA D 237 -15.81 -8.03 -12.95
N GLY D 238 -15.97 -7.08 -13.86
CA GLY D 238 -14.88 -6.67 -14.72
C GLY D 238 -14.95 -7.26 -16.12
N ASP D 239 -15.77 -8.28 -16.28
CA ASP D 239 -15.93 -8.92 -17.58
C ASP D 239 -17.18 -8.43 -18.31
N GLY D 240 -17.86 -7.45 -17.71
CA GLY D 240 -19.08 -6.92 -18.27
C GLY D 240 -20.32 -7.34 -17.51
N THR D 241 -20.14 -8.23 -16.54
CA THR D 241 -21.25 -8.68 -15.70
C THR D 241 -21.12 -8.16 -14.28
N PHE D 242 -22.19 -8.25 -13.51
CA PHE D 242 -22.20 -7.73 -12.15
C PHE D 242 -22.43 -8.79 -11.08
N GLN D 243 -22.30 -8.37 -9.83
CA GLN D 243 -22.41 -9.28 -8.70
C GLN D 243 -23.09 -8.58 -7.54
N LYS D 244 -23.71 -9.36 -6.67
CA LYS D 244 -24.39 -8.81 -5.50
C LYS D 244 -24.68 -9.93 -4.52
N TRP D 245 -24.91 -9.58 -3.26
CA TRP D 245 -25.33 -10.57 -2.29
C TRP D 245 -26.16 -9.96 -1.17
N ALA D 246 -27.04 -10.78 -0.60
CA ALA D 246 -27.84 -10.37 0.54
C ALA D 246 -27.68 -11.44 1.61
N ALA D 247 -27.54 -11.01 2.86
CA ALA D 247 -27.33 -11.94 3.95
C ALA D 247 -28.21 -11.63 5.15
N VAL D 248 -28.64 -12.68 5.84
CA VAL D 248 -29.39 -12.52 7.08
C VAL D 248 -28.78 -13.40 8.16
N VAL D 249 -28.91 -12.97 9.41
CA VAL D 249 -28.44 -13.78 10.53
C VAL D 249 -29.59 -14.62 11.08
N VAL D 250 -29.43 -15.93 11.08
CA VAL D 250 -30.50 -16.84 11.48
C VAL D 250 -30.15 -17.63 12.74
N PRO D 251 -31.15 -17.82 13.61
CA PRO D 251 -30.98 -18.71 14.76
C PRO D 251 -30.63 -20.11 14.26
N SER D 252 -29.61 -20.73 14.85
CA SER D 252 -29.17 -22.05 14.43
C SER D 252 -30.31 -23.06 14.53
N GLY D 253 -30.54 -23.78 13.45
CA GLY D 253 -31.60 -24.77 13.41
C GLY D 253 -32.87 -24.25 12.74
N GLU D 254 -32.83 -23.00 12.30
CA GLU D 254 -33.99 -22.37 11.68
C GLU D 254 -33.71 -21.88 10.26
N GLU D 255 -32.69 -22.44 9.62
CA GLU D 255 -32.27 -22.00 8.30
C GLU D 255 -33.33 -22.27 7.23
N GLN D 256 -34.17 -23.28 7.48
CA GLN D 256 -35.16 -23.70 6.49
C GLN D 256 -36.43 -22.86 6.53
N ARG D 257 -36.45 -21.84 7.39
CA ARG D 257 -37.56 -20.90 7.41
C ARG D 257 -37.33 -19.81 6.37
N TYR D 258 -36.09 -19.65 5.95
CA TYR D 258 -35.69 -18.55 5.10
C TYR D 258 -35.57 -18.93 3.62
N THR D 259 -36.20 -18.14 2.75
CA THR D 259 -35.99 -18.28 1.32
C THR D 259 -35.40 -16.99 0.76
N CYS D 260 -34.57 -17.12 -0.26
CA CYS D 260 -34.02 -15.97 -0.95
C CYS D 260 -34.76 -15.74 -2.26
N HIS D 261 -35.08 -14.47 -2.54
CA HIS D 261 -35.80 -14.13 -3.76
C HIS D 261 -34.96 -13.26 -4.69
N VAL D 262 -34.99 -13.58 -5.98
CA VAL D 262 -34.15 -12.89 -6.94
C VAL D 262 -34.95 -12.37 -8.13
N GLN D 263 -34.96 -11.04 -8.29
CA GLN D 263 -35.64 -10.41 -9.41
C GLN D 263 -34.64 -9.78 -10.36
N HIS D 264 -34.63 -10.28 -11.60
CA HIS D 264 -33.78 -9.74 -12.65
C HIS D 264 -34.53 -9.89 -13.96
N GLU D 265 -34.40 -8.91 -14.86
CA GLU D 265 -35.10 -8.97 -16.13
C GLU D 265 -34.58 -10.13 -16.98
N GLY D 266 -33.47 -10.72 -16.56
CA GLY D 266 -32.95 -11.90 -17.21
C GLY D 266 -33.72 -13.13 -16.76
N LEU D 267 -34.59 -12.94 -15.77
CA LEU D 267 -35.44 -14.02 -15.28
C LEU D 267 -36.90 -13.79 -15.68
N PRO D 268 -37.46 -14.74 -16.44
CA PRO D 268 -38.87 -14.63 -16.83
C PRO D 268 -39.74 -14.46 -15.58
N LYS D 269 -39.41 -15.20 -14.53
CA LYS D 269 -40.11 -15.09 -13.26
C LYS D 269 -39.10 -15.09 -12.10
N PRO D 270 -39.45 -14.42 -10.99
CA PRO D 270 -38.55 -14.37 -9.83
C PRO D 270 -38.20 -15.77 -9.33
N LEU D 271 -36.98 -15.94 -8.83
CA LEU D 271 -36.53 -17.23 -8.30
C LEU D 271 -36.71 -17.32 -6.79
N THR D 272 -36.80 -18.53 -6.28
CA THR D 272 -36.93 -18.77 -4.85
C THR D 272 -35.94 -19.82 -4.38
N LEU D 273 -34.85 -19.37 -3.77
CA LEU D 273 -33.83 -20.27 -3.25
C LEU D 273 -34.11 -20.64 -1.81
N ARG D 274 -33.97 -21.92 -1.51
CA ARG D 274 -34.08 -22.40 -0.13
C ARG D 274 -32.83 -23.20 0.25
N TRP D 275 -32.39 -23.06 1.49
CA TRP D 275 -31.21 -23.75 1.98
C TRP D 275 -31.50 -25.23 2.22
N ILE E 2 -19.86 18.76 -0.23
CA ILE E 2 -20.20 17.44 0.29
C ILE E 2 -18.95 16.60 0.53
N GLN E 3 -18.97 15.78 1.57
CA GLN E 3 -17.95 14.77 1.80
C GLN E 3 -18.61 13.43 2.04
N ARG E 4 -18.23 12.43 1.26
CA ARG E 4 -18.78 11.09 1.43
C ARG E 4 -17.69 10.02 1.54
N THR E 5 -17.75 9.26 2.63
CA THR E 5 -16.85 8.14 2.85
C THR E 5 -16.98 7.11 1.73
N PRO E 6 -15.85 6.58 1.25
CA PRO E 6 -15.88 5.53 0.23
C PRO E 6 -16.43 4.21 0.78
N LYS E 7 -17.07 3.43 -0.08
CA LYS E 7 -17.50 2.08 0.24
C LYS E 7 -16.57 1.09 -0.45
N ILE E 8 -16.11 0.08 0.29
CA ILE E 8 -15.04 -0.77 -0.22
C ILE E 8 -15.44 -2.25 -0.30
N GLN E 9 -15.23 -2.84 -1.48
CA GLN E 9 -15.47 -4.27 -1.66
C GLN E 9 -14.27 -4.91 -2.36
N VAL E 10 -13.74 -5.97 -1.76
CA VAL E 10 -12.63 -6.72 -2.35
C VAL E 10 -13.11 -8.13 -2.68
N TYR E 11 -12.82 -8.57 -3.91
CA TYR E 11 -13.37 -9.84 -4.40
C TYR E 11 -12.69 -10.26 -5.70
N SER E 12 -12.85 -11.51 -6.07
CA SER E 12 -12.34 -12.01 -7.34
C SER E 12 -13.42 -11.94 -8.42
N ARG E 13 -13.01 -11.92 -9.68
CA ARG E 13 -13.96 -11.88 -10.79
C ARG E 13 -14.68 -13.21 -10.93
N HIS E 14 -13.96 -14.30 -10.72
CA HIS E 14 -14.53 -15.63 -10.77
C HIS E 14 -14.34 -16.33 -9.43
N PRO E 15 -15.21 -17.29 -9.10
CA PRO E 15 -15.04 -18.07 -7.87
C PRO E 15 -13.59 -18.49 -7.71
N ALA E 16 -13.07 -18.42 -6.49
CA ALA E 16 -11.65 -18.68 -6.25
C ALA E 16 -11.26 -20.13 -6.52
N GLU E 17 -10.22 -20.31 -7.33
CA GLU E 17 -9.64 -21.62 -7.59
C GLU E 17 -8.11 -21.52 -7.58
N ASN E 18 -7.48 -22.17 -6.61
CA ASN E 18 -6.03 -22.14 -6.49
C ASN E 18 -5.33 -22.67 -7.74
N GLY E 19 -4.27 -21.98 -8.16
CA GLY E 19 -3.53 -22.37 -9.34
C GLY E 19 -4.19 -21.90 -10.62
N LYS E 20 -5.42 -21.40 -10.49
CA LYS E 20 -6.18 -20.93 -11.65
C LYS E 20 -6.16 -19.40 -11.76
N SER E 21 -5.76 -18.90 -12.92
CA SER E 21 -5.65 -17.47 -13.16
C SER E 21 -7.00 -16.77 -13.05
N ASN E 22 -7.01 -15.63 -12.36
CA ASN E 22 -8.24 -14.89 -12.08
C ASN E 22 -7.97 -13.39 -12.12
N PHE E 23 -8.95 -12.59 -11.70
CA PHE E 23 -8.78 -11.14 -11.59
C PHE E 23 -9.16 -10.65 -10.20
N LEU E 24 -8.25 -9.92 -9.55
CA LEU E 24 -8.53 -9.35 -8.23
C LEU E 24 -9.11 -7.94 -8.33
N ASN E 25 -10.28 -7.75 -7.73
CA ASN E 25 -10.99 -6.48 -7.82
C ASN E 25 -11.07 -5.73 -6.50
N CYS E 26 -10.97 -4.40 -6.57
CA CYS E 26 -11.38 -3.57 -5.45
C CYS E 26 -12.32 -2.48 -5.96
N TYR E 27 -13.59 -2.62 -5.61
CA TYR E 27 -14.60 -1.67 -6.03
C TYR E 27 -14.81 -0.63 -4.93
N VAL E 28 -14.59 0.63 -5.25
CA VAL E 28 -14.80 1.71 -4.31
C VAL E 28 -15.97 2.57 -4.79
N SER E 29 -16.92 2.86 -3.92
CA SER E 29 -18.12 3.57 -4.33
C SER E 29 -18.68 4.53 -3.28
N GLY E 30 -19.54 5.44 -3.73
CA GLY E 30 -20.29 6.32 -2.87
C GLY E 30 -19.46 7.36 -2.13
N PHE E 31 -18.41 7.86 -2.77
CA PHE E 31 -17.51 8.79 -2.11
C PHE E 31 -17.37 10.12 -2.86
N HIS E 32 -17.02 11.16 -2.11
CA HIS E 32 -16.87 12.49 -2.67
C HIS E 32 -16.00 13.29 -1.71
N PRO E 33 -15.02 14.04 -2.23
CA PRO E 33 -14.68 14.26 -3.64
C PRO E 33 -14.04 13.06 -4.34
N SER E 34 -13.65 13.25 -5.60
CA SER E 34 -13.19 12.15 -6.44
C SER E 34 -11.75 11.71 -6.17
N ASP E 35 -10.94 12.62 -5.64
CA ASP E 35 -9.56 12.29 -5.30
C ASP E 35 -9.52 11.10 -4.35
N ILE E 36 -8.82 10.05 -4.76
CA ILE E 36 -8.71 8.84 -3.97
C ILE E 36 -7.52 8.00 -4.43
N GLU E 37 -6.91 7.25 -3.52
CA GLU E 37 -5.88 6.30 -3.91
C GLU E 37 -6.15 4.89 -3.39
N VAL E 38 -5.98 3.92 -4.26
CA VAL E 38 -6.31 2.53 -3.96
C VAL E 38 -5.16 1.61 -4.35
N ASP E 39 -4.76 0.76 -3.41
CA ASP E 39 -3.68 -0.18 -3.64
C ASP E 39 -4.11 -1.61 -3.33
N LEU E 40 -3.66 -2.55 -4.14
CA LEU E 40 -3.89 -3.96 -3.86
C LEU E 40 -2.66 -4.56 -3.18
N LEU E 41 -2.87 -5.29 -2.10
CA LEU E 41 -1.76 -5.82 -1.31
C LEU E 41 -1.67 -7.33 -1.38
N LYS E 42 -0.50 -7.82 -1.79
N LYS E 42 -0.50 -7.83 -1.79
CA LYS E 42 -0.20 -9.24 -1.77
CA LYS E 42 -0.24 -9.27 -1.77
C LYS E 42 0.73 -9.55 -0.60
C LYS E 42 0.71 -9.62 -0.63
N ASN E 43 0.16 -10.16 0.45
CA ASN E 43 0.94 -10.45 1.65
C ASN E 43 1.52 -9.17 2.27
N GLY E 44 0.75 -8.10 2.23
CA GLY E 44 1.14 -6.84 2.86
C GLY E 44 1.89 -5.88 1.95
N GLU E 45 2.32 -6.36 0.79
CA GLU E 45 3.10 -5.56 -0.13
C GLU E 45 2.28 -5.08 -1.32
N ARG E 46 2.51 -3.84 -1.74
CA ARG E 46 1.74 -3.23 -2.81
C ARG E 46 2.02 -3.86 -4.18
N ILE E 47 0.97 -4.39 -4.80
CA ILE E 47 1.06 -4.93 -6.15
C ILE E 47 1.23 -3.80 -7.16
N GLU E 48 2.21 -3.93 -8.04
CA GLU E 48 2.63 -2.82 -8.90
C GLU E 48 1.59 -2.37 -9.94
N LYS E 49 1.52 -3.07 -11.07
CA LYS E 49 0.75 -2.58 -12.22
C LYS E 49 -0.75 -2.86 -12.16
N VAL E 50 -1.43 -2.21 -11.21
CA VAL E 50 -2.88 -2.35 -11.09
C VAL E 50 -3.60 -1.32 -11.97
N GLU E 51 -4.57 -1.79 -12.74
CA GLU E 51 -5.36 -0.92 -13.60
C GLU E 51 -6.67 -0.51 -12.95
N HIS E 52 -7.27 0.55 -13.45
CA HIS E 52 -8.56 0.99 -12.91
C HIS E 52 -9.49 1.50 -14.01
N SER E 53 -10.78 1.50 -13.72
CA SER E 53 -11.79 1.96 -14.65
C SER E 53 -11.72 3.48 -14.82
N ASP E 54 -12.39 3.99 -15.84
CA ASP E 54 -12.49 5.43 -16.05
C ASP E 54 -13.43 6.05 -15.03
N LEU E 55 -13.01 7.16 -14.43
CA LEU E 55 -13.79 7.84 -13.40
C LEU E 55 -15.25 8.06 -13.83
N SER E 56 -16.18 7.64 -12.98
CA SER E 56 -17.60 7.83 -13.24
C SER E 56 -18.36 7.98 -11.92
N PHE E 57 -19.67 8.20 -12.01
CA PHE E 57 -20.48 8.43 -10.82
C PHE E 57 -21.95 7.99 -10.99
N SER E 58 -22.66 7.93 -9.88
CA SER E 58 -24.04 7.44 -9.87
C SER E 58 -25.06 8.58 -9.84
N LYS E 59 -26.32 8.22 -9.58
CA LYS E 59 -27.41 9.19 -9.51
C LYS E 59 -27.17 10.24 -8.42
N ASP E 60 -26.77 9.80 -7.24
CA ASP E 60 -26.54 10.71 -6.13
C ASP E 60 -25.25 11.52 -6.29
N TRP E 61 -24.65 11.44 -7.48
CA TRP E 61 -23.46 12.22 -7.83
C TRP E 61 -22.16 11.65 -7.26
N SER E 62 -22.27 10.73 -6.32
CA SER E 62 -21.07 10.13 -5.71
C SER E 62 -20.34 9.25 -6.71
N PHE E 63 -19.02 9.20 -6.58
CA PHE E 63 -18.17 8.52 -7.55
C PHE E 63 -18.02 7.03 -7.28
N TYR E 64 -17.57 6.30 -8.28
CA TYR E 64 -17.21 4.90 -8.12
C TYR E 64 -16.10 4.55 -9.09
N LEU E 65 -15.22 3.64 -8.66
CA LEU E 65 -14.09 3.19 -9.47
C LEU E 65 -13.78 1.73 -9.21
N LEU E 66 -13.39 1.02 -10.25
CA LEU E 66 -12.96 -0.37 -10.10
C LEU E 66 -11.46 -0.48 -10.33
N TYR E 67 -10.76 -0.99 -9.33
CA TYR E 67 -9.34 -1.29 -9.45
C TYR E 67 -9.17 -2.79 -9.59
N TYR E 68 -8.33 -3.22 -10.53
CA TYR E 68 -8.18 -4.64 -10.82
C TYR E 68 -6.79 -4.99 -11.32
N THR E 69 -6.37 -6.22 -11.03
CA THR E 69 -5.11 -6.76 -11.54
C THR E 69 -5.28 -8.27 -11.71
N GLU E 70 -4.59 -8.82 -12.70
CA GLU E 70 -4.65 -10.26 -12.96
C GLU E 70 -3.80 -10.99 -11.91
N PHE E 71 -4.36 -12.03 -11.31
CA PHE E 71 -3.63 -12.75 -10.26
C PHE E 71 -3.98 -14.22 -10.19
N THR E 72 -3.07 -15.02 -9.63
CA THR E 72 -3.28 -16.45 -9.50
C THR E 72 -3.30 -16.85 -8.02
N PRO E 73 -4.50 -17.05 -7.47
CA PRO E 73 -4.66 -17.34 -6.04
C PRO E 73 -3.89 -18.57 -5.61
N THR E 74 -3.49 -18.59 -4.34
CA THR E 74 -2.94 -19.80 -3.71
C THR E 74 -3.57 -19.96 -2.34
N GLU E 75 -3.33 -21.08 -1.70
CA GLU E 75 -3.89 -21.34 -0.37
C GLU E 75 -3.30 -20.38 0.66
N LYS E 76 -2.03 -20.02 0.46
CA LYS E 76 -1.26 -19.28 1.47
C LYS E 76 -1.16 -17.77 1.21
N ASP E 77 -1.34 -17.35 -0.04
CA ASP E 77 -1.26 -15.93 -0.39
C ASP E 77 -2.50 -15.15 0.05
N GLU E 78 -2.28 -14.13 0.87
CA GLU E 78 -3.38 -13.31 1.37
C GLU E 78 -3.37 -11.91 0.74
N TYR E 79 -4.53 -11.51 0.21
CA TYR E 79 -4.65 -10.25 -0.50
C TYR E 79 -5.58 -9.27 0.21
N ALA E 80 -5.52 -8.00 -0.18
CA ALA E 80 -6.32 -6.96 0.45
C ALA E 80 -6.36 -5.69 -0.40
N CYS E 81 -7.21 -4.76 0.01
CA CYS E 81 -7.32 -3.46 -0.66
C CYS E 81 -7.07 -2.36 0.35
N ARG E 82 -6.24 -1.39 -0.02
CA ARG E 82 -5.92 -0.29 0.87
C ARG E 82 -6.36 1.03 0.25
N VAL E 83 -7.11 1.81 1.02
CA VAL E 83 -7.74 3.01 0.50
C VAL E 83 -7.45 4.25 1.35
N ASN E 84 -7.01 5.30 0.67
CA ASN E 84 -6.85 6.61 1.30
C ASN E 84 -7.81 7.62 0.66
N HIS E 85 -8.56 8.32 1.50
CA HIS E 85 -9.51 9.32 1.04
C HIS E 85 -9.62 10.40 2.11
N VAL E 86 -9.89 11.64 1.70
CA VAL E 86 -9.93 12.75 2.65
C VAL E 86 -10.84 12.48 3.86
N THR E 87 -11.92 11.70 3.65
CA THR E 87 -12.85 11.40 4.73
C THR E 87 -12.36 10.32 5.68
N LEU E 88 -11.21 9.73 5.36
CA LEU E 88 -10.60 8.72 6.22
C LEU E 88 -9.45 9.31 7.02
N SER E 89 -9.51 9.12 8.34
CA SER E 89 -8.46 9.55 9.26
C SER E 89 -7.17 8.77 9.02
N GLN E 90 -7.32 7.59 8.44
CA GLN E 90 -6.19 6.71 8.15
C GLN E 90 -6.56 5.74 7.04
N PRO E 91 -5.56 5.08 6.44
CA PRO E 91 -5.84 4.10 5.38
C PRO E 91 -6.81 3.04 5.87
N LYS E 92 -7.83 2.75 5.06
CA LYS E 92 -8.76 1.68 5.36
C LYS E 92 -8.36 0.44 4.58
N ILE E 93 -7.98 -0.61 5.31
CA ILE E 93 -7.58 -1.86 4.69
C ILE E 93 -8.67 -2.93 4.84
N VAL E 94 -9.15 -3.43 3.70
CA VAL E 94 -10.11 -4.53 3.68
C VAL E 94 -9.47 -5.78 3.10
N LYS E 95 -9.54 -6.87 3.85
CA LYS E 95 -8.91 -8.12 3.43
C LYS E 95 -9.81 -8.94 2.52
N TRP E 96 -9.22 -9.49 1.46
CA TRP E 96 -9.97 -10.37 0.56
C TRP E 96 -10.40 -11.64 1.27
N ASP E 97 -11.69 -11.95 1.18
CA ASP E 97 -12.23 -13.19 1.72
C ASP E 97 -12.97 -13.93 0.61
N ARG E 98 -12.61 -15.20 0.40
CA ARG E 98 -13.20 -16.00 -0.67
C ARG E 98 -14.72 -16.10 -0.59
N ASP E 99 -15.26 -15.80 0.60
CA ASP E 99 -16.68 -16.05 0.86
C ASP E 99 -17.56 -14.79 0.94
N MET E 100 -16.96 -13.63 0.70
CA MET E 100 -17.73 -12.37 0.67
C MET E 100 -17.40 -11.53 -0.54
N LEU F 1 -23.71 9.53 -29.24
CA LEU F 1 -23.50 10.87 -29.78
C LEU F 1 -23.51 11.93 -28.69
N TYR F 2 -22.45 12.73 -28.64
CA TYR F 2 -22.31 13.77 -27.63
C TYR F 2 -23.22 14.95 -27.93
N ALA F 3 -23.59 15.69 -26.90
CA ALA F 3 -24.41 16.88 -27.06
C ALA F 3 -23.62 17.97 -27.76
N SER F 4 -24.29 18.70 -28.66
CA SER F 4 -23.63 19.79 -29.37
C SER F 4 -23.13 20.85 -28.39
N PRO F 5 -22.13 21.64 -28.81
CA PRO F 5 -21.55 22.66 -27.93
C PRO F 5 -22.60 23.67 -27.45
N GLN F 6 -22.32 24.31 -26.33
CA GLN F 6 -23.17 25.37 -25.81
C GLN F 6 -22.37 26.44 -25.10
N LEU F 7 -22.57 27.70 -25.50
CA LEU F 7 -22.08 28.81 -24.70
C LEU F 7 -23.25 29.29 -23.86
N GLU F 8 -23.01 30.30 -23.03
CA GLU F 8 -23.96 30.72 -22.01
C GLU F 8 -23.74 29.83 -20.80
N GLY F 9 -22.58 29.98 -20.17
CA GLY F 9 -22.24 29.20 -19.00
C GLY F 9 -23.10 29.61 -17.82
N PHE F 10 -22.59 29.38 -16.62
CA PHE F 10 -23.32 29.71 -15.41
C PHE F 10 -23.55 31.22 -15.29
#